data_7ZDG
#
_entry.id   7ZDG
#
loop_
_entity.id
_entity.type
_entity.pdbx_description
1 polymer 'ATP-binding/permease protein CydC'
2 polymer 'ATP-binding/permease protein CydD'
3 non-polymer 'HEME B/C'
#
loop_
_entity_poly.entity_id
_entity_poly.type
_entity_poly.pdbx_seq_one_letter_code
_entity_poly.pdbx_strand_id
1 'polypeptide(L)'
;MRALLPYLALYKRHKWMLSLGIVLAIVTLLASIGLLTLSGWFLSASAVAGVAGLYSFNYMLPAAGVRGAAITRTAGRYFE
RLVSHDATFRVLQHLRIYTFSKLLPLSPAGLARYRQGELLNRVVADVDTLDHLYLRVISPLVGAFVVIMVVTIGLSFLDF
TLAFTLGGIMLLTLFLMPPLFYRAGKSTGQNLTHLRGQYRQQLTAWLQGQAELTIFGASDRYRTQLENTEIQWLEAQRRQ
SELTALSQAIMLLIGALAVILMLWMASGGVGGNAQPGALIALFVFCALAAFEALAPVTGAFQHLGQVIASAVRISDLTDQ
KPEVTFPDTQTRVADRVSLTLRDVQFTYPEQSQQALKGISLQVNAGEHIAILGRTGCGKSTLLQQLTRAWDPQQGEILLN
DSPIASLNEAALRQTISVVPQRVHLFSATLRDNLLLASPGSSDEALSEILRRVGLEKLLEDAGLNSWLGEGGRQLSGGEL
RRLAIARALLHDAPLVLLDEPTEGLDATTESQILELLAEMMREKTVLMVTHRLRGLSRFQQIIVMDNGQIIEQGTHAELL
ARQGRYYQFKQGL
;
C
2 'polypeptide(L)'
;MNKSRQKELTRWLKQQSVISQRWLNISRLLGFVSGILIIAQAWFMARILQHMIMENIPREALLLPFTLLVLTFVLRAWVV
WLRERVGYHAGQHIRFAIRRQVLDRLQQAGPAWIQGKPAGSWATLVLEQIDDMHDYYARYLPQMALAVSVPLLIVVAIFP
SNWAAALILLGTAPLIPLFMALVGMGAADANRRNFLALARLSGHFLDRLRGMETLRIFGRGEAEIESIRSASEDFRQRTM
EVLRLAFLSSGILEFFTSLSIALVAVYFGFSYLGELDFGHYDTGVTLAAGFLALILAPEFFQPLRDLGTFYHAKAQAVGA
ADSLKTFMETPLAHPQRGEAELASTDPVTIEAEELFITSPEGKTLAGPLNFTLPAGQRAVLVGRSGSGKSSLLNALSGFL
SYQGSLRINGIELRDLSPESWRKHLSWVGQNPQLPAATLRDNVLLARPDASEQELQAALDNAWVSEFLPLLPQGVDTPVG
DQAARLSVGQAQRVAVARALLNPCSLLLLDEPAASLDAHSEQRVMEALNAASLRQTTLMVTHQLEDLADWDVIWVMQDGR
IIEQGRYAELSVAGGPFATLLAHRQEEI
;
D
#
# COMPACT_ATOMS: atom_id res chain seq x y z
N MET A 1 6.60 2.64 -24.24
CA MET A 1 7.55 1.54 -24.37
C MET A 1 8.98 2.06 -24.32
N ARG A 2 9.15 3.34 -24.71
CA ARG A 2 10.44 3.98 -24.52
C ARG A 2 10.71 4.28 -23.06
N ALA A 3 9.66 4.32 -22.25
CA ALA A 3 9.83 4.59 -20.82
C ALA A 3 10.53 3.44 -20.10
N LEU A 4 10.33 2.21 -20.56
CA LEU A 4 10.93 1.05 -19.92
C LEU A 4 12.41 0.91 -20.18
N LEU A 5 12.94 1.71 -21.11
CA LEU A 5 14.36 1.62 -21.53
C LEU A 5 15.33 1.72 -20.35
N PRO A 6 15.21 2.71 -19.43
CA PRO A 6 16.15 2.83 -18.31
C PRO A 6 16.09 1.59 -17.40
N TYR A 7 14.90 1.03 -17.20
CA TYR A 7 14.75 -0.16 -16.32
C TYR A 7 15.21 -1.42 -17.06
N LEU A 8 15.12 -1.41 -18.39
CA LEU A 8 15.63 -2.51 -19.25
C LEU A 8 17.16 -2.53 -19.13
N ALA A 9 17.78 -1.35 -19.04
CA ALA A 9 19.24 -1.14 -18.89
C ALA A 9 19.76 -1.72 -17.58
N LEU A 10 18.92 -1.78 -16.54
CA LEU A 10 19.21 -2.36 -15.20
C LEU A 10 19.43 -3.89 -15.27
N TYR A 11 18.90 -4.55 -16.31
CA TYR A 11 19.01 -6.01 -16.57
C TYR A 11 20.43 -6.42 -17.02
N LYS A 12 21.32 -5.47 -17.34
CA LYS A 12 22.70 -5.82 -17.72
C LYS A 12 23.35 -6.54 -16.53
N ARG A 13 23.14 -6.05 -15.31
CA ARG A 13 23.61 -6.79 -14.10
C ARG A 13 22.71 -8.02 -14.02
N HIS A 14 23.27 -9.19 -13.70
CA HIS A 14 22.54 -10.49 -13.65
C HIS A 14 21.92 -10.82 -15.02
N LYS A 15 22.58 -10.48 -16.13
CA LYS A 15 22.00 -10.76 -17.47
C LYS A 15 21.87 -12.28 -17.65
N TRP A 16 22.86 -13.04 -17.19
CA TRP A 16 22.88 -14.53 -17.30
C TRP A 16 21.75 -15.15 -16.48
N MET A 17 21.50 -14.66 -15.26
CA MET A 17 20.43 -15.22 -14.39
C MET A 17 19.06 -14.99 -15.04
N LEU A 18 18.79 -13.78 -15.52
CA LEU A 18 17.53 -13.44 -16.17
C LEU A 18 17.32 -14.22 -17.45
N SER A 19 18.36 -14.35 -18.27
CA SER A 19 18.18 -15.07 -19.52
C SER A 19 18.09 -16.57 -19.31
N LEU A 20 18.71 -17.09 -18.26
CA LEU A 20 18.56 -18.50 -17.94
C LEU A 20 17.13 -18.83 -17.55
N GLY A 21 16.46 -17.90 -16.86
CA GLY A 21 15.07 -18.13 -16.49
C GLY A 21 14.15 -18.22 -17.69
N ILE A 22 14.39 -17.39 -18.69
CA ILE A 22 13.59 -17.44 -19.91
C ILE A 22 13.92 -18.69 -20.72
N VAL A 23 15.20 -19.06 -20.78
CA VAL A 23 15.59 -20.26 -21.51
C VAL A 23 14.96 -21.49 -20.89
N LEU A 24 14.97 -21.57 -19.55
CA LEU A 24 14.34 -22.68 -18.87
C LEU A 24 12.83 -22.69 -19.08
N ALA A 25 12.22 -21.52 -19.22
CA ALA A 25 10.80 -21.46 -19.53
C ALA A 25 10.52 -21.98 -20.93
N ILE A 26 11.40 -21.68 -21.89
CA ILE A 26 11.24 -22.17 -23.25
C ILE A 26 11.44 -23.68 -23.31
N VAL A 27 12.46 -24.19 -22.63
CA VAL A 27 12.76 -25.62 -22.67
C VAL A 27 11.63 -26.44 -22.05
N THR A 28 11.04 -25.94 -20.98
CA THR A 28 9.91 -26.63 -20.38
C THR A 28 8.73 -26.72 -21.33
N LEU A 29 8.45 -25.63 -22.04
CA LEU A 29 7.33 -25.63 -22.97
C LEU A 29 7.61 -26.55 -24.16
N LEU A 30 8.82 -26.52 -24.70
CA LEU A 30 9.14 -27.38 -25.84
C LEU A 30 9.12 -28.84 -25.44
N ALA A 31 9.50 -29.15 -24.21
CA ALA A 31 9.44 -30.52 -23.73
C ALA A 31 8.01 -30.99 -23.55
N SER A 32 7.11 -30.09 -23.13
CA SER A 32 5.69 -30.42 -23.07
C SER A 32 5.14 -30.70 -24.46
N ILE A 33 5.49 -29.85 -25.42
CA ILE A 33 5.02 -30.03 -26.79
C ILE A 33 5.65 -31.25 -27.43
N GLY A 34 6.95 -31.44 -27.22
CA GLY A 34 7.62 -32.58 -27.82
C GLY A 34 7.15 -33.90 -27.26
N LEU A 35 6.83 -33.94 -25.97
CA LEU A 35 6.37 -35.18 -25.35
C LEU A 35 5.00 -35.59 -25.88
N LEU A 36 4.10 -34.63 -26.08
CA LEU A 36 2.78 -34.96 -26.58
C LEU A 36 2.81 -35.30 -28.07
N THR A 37 3.60 -34.55 -28.84
CA THR A 37 3.73 -34.82 -30.26
C THR A 37 4.37 -36.17 -30.52
N LEU A 38 5.40 -36.52 -29.74
CA LEU A 38 6.04 -37.81 -29.91
C LEU A 38 5.11 -38.94 -29.52
N SER A 39 4.35 -38.76 -28.45
CA SER A 39 3.37 -39.77 -28.06
C SER A 39 2.29 -39.92 -29.11
N GLY A 40 1.78 -38.82 -29.63
CA GLY A 40 0.76 -38.89 -30.67
C GLY A 40 1.26 -39.57 -31.93
N TRP A 41 2.52 -39.34 -32.29
CA TRP A 41 3.09 -40.02 -33.44
C TRP A 41 3.35 -41.49 -33.12
N PHE A 42 3.79 -41.79 -31.91
CA PHE A 42 4.11 -43.18 -31.55
C PHE A 42 2.87 -44.06 -31.58
N LEU A 43 1.74 -43.55 -31.09
CA LEU A 43 0.51 -44.33 -31.14
C LEU A 43 0.11 -44.62 -32.59
N SER A 44 0.19 -43.62 -33.46
CA SER A 44 -0.21 -43.82 -34.84
C SER A 44 0.74 -44.74 -35.57
N ALA A 45 2.05 -44.53 -35.41
CA ALA A 45 3.03 -45.35 -36.11
C ALA A 45 2.95 -46.80 -35.70
N SER A 46 2.79 -47.06 -34.41
CA SER A 46 2.69 -48.44 -33.94
C SER A 46 1.36 -49.06 -34.34
N ALA A 47 0.28 -48.29 -34.32
CA ALA A 47 -1.01 -48.81 -34.74
C ALA A 47 -1.00 -49.15 -36.22
N VAL A 48 -0.41 -48.29 -37.05
CA VAL A 48 -0.30 -48.57 -38.47
C VAL A 48 0.59 -49.78 -38.71
N ALA A 49 1.71 -49.86 -38.00
CA ALA A 49 2.60 -51.01 -38.14
C ALA A 49 1.89 -52.29 -37.71
N GLY A 50 1.16 -52.24 -36.61
CA GLY A 50 0.42 -53.39 -36.16
C GLY A 50 1.33 -54.46 -35.57
N VAL A 51 0.72 -55.63 -35.32
CA VAL A 51 1.47 -56.74 -34.76
C VAL A 51 2.50 -57.27 -35.77
N ALA A 52 2.17 -57.24 -37.06
CA ALA A 52 3.09 -57.74 -38.07
C ALA A 52 4.35 -56.91 -38.16
N GLY A 53 4.30 -55.65 -37.75
CA GLY A 53 5.44 -54.77 -37.85
C GLY A 53 6.23 -54.63 -36.57
N LEU A 54 6.06 -55.57 -35.63
CA LEU A 54 6.75 -55.46 -34.35
C LEU A 54 8.27 -55.50 -34.55
N TYR A 55 8.73 -56.42 -35.40
CA TYR A 55 10.19 -56.64 -35.63
C TYR A 55 10.82 -55.47 -36.41
N SER A 56 10.09 -54.89 -37.36
CA SER A 56 10.62 -53.78 -38.16
C SER A 56 10.56 -52.47 -37.39
N PHE A 57 9.55 -52.31 -36.53
CA PHE A 57 9.35 -51.04 -35.85
C PHE A 57 10.46 -50.80 -34.82
N ASN A 58 11.09 -49.63 -34.91
CA ASN A 58 12.11 -49.23 -33.96
C ASN A 58 11.49 -48.35 -32.89
N TYR A 59 11.62 -48.77 -31.63
CA TYR A 59 11.04 -48.02 -30.52
C TYR A 59 12.05 -47.59 -29.48
N MET A 60 13.32 -47.95 -29.69
CA MET A 60 14.42 -47.58 -28.75
C MET A 60 14.64 -46.07 -28.84
N LEU A 61 14.65 -45.52 -30.06
CA LEU A 61 14.86 -44.09 -30.28
C LEU A 61 13.73 -43.24 -29.73
N PRO A 62 12.45 -43.55 -29.95
CA PRO A 62 11.40 -42.84 -29.23
C PRO A 62 11.49 -43.01 -27.73
N ALA A 63 11.99 -44.16 -27.25
CA ALA A 63 12.12 -44.37 -25.82
C ALA A 63 13.07 -43.36 -25.19
N ALA A 64 14.17 -43.05 -25.87
CA ALA A 64 15.04 -41.99 -25.40
C ALA A 64 14.36 -40.63 -25.47
N GLY A 65 13.41 -40.46 -26.41
CA GLY A 65 12.71 -39.20 -26.50
C GLY A 65 11.76 -38.98 -25.32
N VAL A 66 10.91 -39.95 -25.05
CA VAL A 66 9.95 -39.80 -23.96
C VAL A 66 10.66 -39.78 -22.61
N ARG A 67 11.80 -40.45 -22.51
CA ARG A 67 12.59 -40.36 -21.29
C ARG A 67 13.26 -39.00 -21.17
N GLY A 68 13.84 -38.52 -22.26
CA GLY A 68 14.50 -37.22 -22.22
C GLY A 68 13.51 -36.08 -22.02
N ALA A 69 12.38 -36.13 -22.71
CA ALA A 69 11.40 -35.06 -22.62
C ALA A 69 10.75 -35.00 -21.24
N ALA A 70 10.51 -36.15 -20.63
CA ALA A 70 9.88 -36.17 -19.31
C ALA A 70 10.82 -35.58 -18.25
N ILE A 71 12.11 -35.88 -18.36
CA ILE A 71 13.07 -35.36 -17.39
C ILE A 71 13.28 -33.87 -17.57
N THR A 72 13.44 -33.42 -18.82
CA THR A 72 13.71 -32.01 -19.06
C THR A 72 12.48 -31.15 -18.83
N ARG A 73 11.30 -31.74 -18.78
CA ARG A 73 10.10 -30.98 -18.48
C ARG A 73 9.90 -30.79 -16.98
N THR A 74 10.16 -31.84 -16.20
CA THR A 74 10.03 -31.72 -14.75
C THR A 74 11.20 -30.98 -14.12
N ALA A 75 12.41 -31.17 -14.64
CA ALA A 75 13.55 -30.40 -14.15
C ALA A 75 13.52 -28.98 -14.69
N GLY A 76 13.02 -28.79 -15.90
CA GLY A 76 12.88 -27.44 -16.43
C GLY A 76 11.90 -26.61 -15.65
N ARG A 77 10.76 -27.19 -15.28
CA ARG A 77 9.76 -26.47 -14.51
C ARG A 77 10.28 -26.10 -13.13
N TYR A 78 10.95 -27.03 -12.46
CA TYR A 78 11.43 -26.76 -11.12
C TYR A 78 12.44 -25.62 -11.12
N PHE A 79 13.38 -25.64 -12.06
CA PHE A 79 14.42 -24.64 -12.08
C PHE A 79 13.98 -23.35 -12.74
N GLU A 80 12.99 -23.40 -13.63
CA GLU A 80 12.41 -22.17 -14.13
C GLU A 80 11.74 -21.38 -13.03
N ARG A 81 11.05 -22.06 -12.13
CA ARG A 81 10.47 -21.38 -10.97
C ARG A 81 11.55 -20.84 -10.05
N LEU A 82 12.59 -21.63 -9.79
CA LEU A 82 13.63 -21.22 -8.86
C LEU A 82 14.45 -20.06 -9.43
N VAL A 83 14.90 -20.19 -10.68
CA VAL A 83 15.79 -19.20 -11.26
C VAL A 83 15.06 -17.89 -11.52
N SER A 84 13.81 -17.96 -11.95
CA SER A 84 13.08 -16.75 -12.28
C SER A 84 12.60 -16.02 -11.03
N HIS A 85 12.39 -16.74 -9.93
CA HIS A 85 12.08 -16.09 -8.67
C HIS A 85 13.32 -15.48 -8.06
N ASP A 86 14.44 -16.19 -8.08
CA ASP A 86 15.68 -15.63 -7.60
C ASP A 86 16.04 -14.37 -8.39
N ALA A 87 15.92 -14.43 -9.72
CA ALA A 87 16.22 -13.27 -10.54
C ALA A 87 15.25 -12.13 -10.27
N THR A 88 14.00 -12.44 -9.94
CA THR A 88 13.03 -11.40 -9.64
C THR A 88 13.38 -10.68 -8.33
N PHE A 89 13.95 -11.41 -7.38
CA PHE A 89 14.41 -10.76 -6.15
C PHE A 89 15.69 -9.97 -6.36
N ARG A 90 16.55 -10.40 -7.30
CA ARG A 90 17.73 -9.62 -7.63
C ARG A 90 17.35 -8.30 -8.26
N VAL A 91 16.43 -8.32 -9.23
CA VAL A 91 16.07 -7.08 -9.91
C VAL A 91 15.33 -6.13 -8.98
N LEU A 92 14.56 -6.66 -8.02
CA LEU A 92 13.94 -5.79 -7.04
C LEU A 92 14.96 -5.11 -6.16
N GLN A 93 16.00 -5.84 -5.74
CA GLN A 93 17.06 -5.23 -4.96
C GLN A 93 17.75 -4.13 -5.74
N HIS A 94 17.99 -4.36 -7.03
CA HIS A 94 18.68 -3.36 -7.84
C HIS A 94 17.76 -2.22 -8.23
N LEU A 95 16.46 -2.46 -8.35
CA LEU A 95 15.51 -1.36 -8.54
C LEU A 95 15.43 -0.48 -7.31
N ARG A 96 15.49 -1.07 -6.12
CA ARG A 96 15.40 -0.31 -4.89
C ARG A 96 16.66 0.50 -4.65
N ILE A 97 17.82 -0.08 -4.93
CA ILE A 97 19.07 0.65 -4.77
C ILE A 97 19.17 1.77 -5.80
N TYR A 98 18.76 1.49 -7.03
CA TYR A 98 18.80 2.49 -8.08
C TYR A 98 17.88 3.67 -7.77
N THR A 99 16.66 3.38 -7.32
CA THR A 99 15.72 4.45 -7.00
C THR A 99 16.19 5.26 -5.80
N PHE A 100 16.69 4.58 -4.77
CA PHE A 100 17.17 5.29 -3.60
C PHE A 100 18.39 6.15 -3.94
N SER A 101 19.27 5.65 -4.80
CA SER A 101 20.45 6.42 -5.17
C SER A 101 20.09 7.63 -6.00
N LYS A 102 19.00 7.58 -6.74
CA LYS A 102 18.56 8.73 -7.52
C LYS A 102 17.83 9.74 -6.67
N LEU A 103 17.04 9.27 -5.70
CA LEU A 103 16.25 10.15 -4.86
C LEU A 103 17.08 10.85 -3.82
N LEU A 104 18.23 10.29 -3.45
CA LEU A 104 19.05 10.88 -2.40
C LEU A 104 19.63 12.25 -2.77
N PRO A 105 20.25 12.44 -3.93
CA PRO A 105 20.80 13.77 -4.22
C PRO A 105 19.77 14.87 -4.35
N LEU A 106 18.50 14.52 -4.54
CA LEU A 106 17.43 15.50 -4.65
C LEU A 106 16.46 15.38 -3.49
N SER A 107 17.01 15.13 -2.30
CA SER A 107 16.19 14.69 -1.16
C SER A 107 15.22 15.75 -0.66
N PRO A 108 15.66 16.91 -0.14
CA PRO A 108 14.71 17.78 0.57
C PRO A 108 13.68 18.40 -0.36
N ALA A 109 14.13 19.03 -1.44
CA ALA A 109 13.25 19.82 -2.28
C ALA A 109 12.66 19.04 -3.44
N GLY A 110 13.35 17.99 -3.89
CA GLY A 110 12.82 17.20 -4.98
C GLY A 110 11.53 16.51 -4.63
N LEU A 111 11.40 16.04 -3.40
CA LEU A 111 10.24 15.29 -2.96
C LEU A 111 9.27 16.23 -2.24
N ALA A 112 8.17 16.55 -2.90
CA ALA A 112 7.17 17.44 -2.34
C ALA A 112 5.81 17.20 -2.97
N GLN A 116 2.79 14.11 0.89
CA GLN A 116 4.05 13.46 0.51
C GLN A 116 4.04 11.99 0.91
N GLY A 117 3.44 11.68 2.05
CA GLY A 117 3.36 10.30 2.48
C GLY A 117 2.57 9.44 1.50
N GLU A 118 1.62 10.06 0.80
CA GLU A 118 0.96 9.38 -0.30
C GLU A 118 1.89 9.14 -1.47
N LEU A 119 2.81 10.08 -1.73
CA LEU A 119 3.76 9.92 -2.83
C LEU A 119 4.69 8.75 -2.60
N LEU A 120 5.19 8.60 -1.37
CA LEU A 120 6.21 7.59 -1.10
C LEU A 120 5.61 6.20 -1.04
N ASN A 121 4.37 6.08 -0.59
CA ASN A 121 3.69 4.79 -0.69
C ASN A 121 3.46 4.42 -2.15
N ARG A 122 3.30 5.42 -3.01
CA ARG A 122 3.11 5.18 -4.42
C ARG A 122 4.45 4.90 -5.11
N VAL A 123 5.53 5.47 -4.59
CA VAL A 123 6.86 5.19 -5.11
C VAL A 123 7.27 3.78 -4.78
N VAL A 124 6.93 3.30 -3.59
CA VAL A 124 7.27 1.93 -3.22
C VAL A 124 6.46 0.94 -4.05
N ALA A 125 5.19 1.25 -4.29
CA ALA A 125 4.35 0.36 -5.09
C ALA A 125 4.74 0.39 -6.56
N ASP A 126 5.23 1.53 -7.04
CA ASP A 126 5.70 1.60 -8.42
C ASP A 126 6.97 0.79 -8.63
N VAL A 127 7.86 0.79 -7.64
CA VAL A 127 9.06 -0.03 -7.74
C VAL A 127 8.68 -1.50 -7.73
N ASP A 128 7.65 -1.87 -6.98
CA ASP A 128 7.17 -3.24 -6.97
C ASP A 128 6.63 -3.66 -8.33
N THR A 129 6.02 -2.72 -9.05
CA THR A 129 5.47 -3.03 -10.36
C THR A 129 6.55 -3.13 -11.42
N LEU A 130 7.60 -2.32 -11.35
CA LEU A 130 8.72 -2.49 -12.28
C LEU A 130 9.41 -3.83 -12.06
N ASP A 131 9.25 -4.42 -10.89
CA ASP A 131 9.82 -5.73 -10.61
C ASP A 131 9.02 -6.85 -11.28
N HIS A 132 7.79 -6.57 -11.67
CA HIS A 132 6.92 -7.51 -12.35
C HIS A 132 7.23 -7.64 -13.83
N LEU A 133 8.02 -6.72 -14.40
CA LEU A 133 8.20 -6.70 -15.84
C LEU A 133 8.83 -7.99 -16.35
N TYR A 134 9.70 -8.60 -15.56
CA TYR A 134 10.41 -9.78 -16.03
C TYR A 134 9.52 -11.02 -16.05
N LEU A 135 8.99 -11.42 -14.89
CA LEU A 135 8.17 -12.62 -14.85
C LEU A 135 6.78 -12.41 -15.44
N ARG A 136 6.17 -11.25 -15.20
CA ARG A 136 4.78 -11.07 -15.61
C ARG A 136 4.66 -10.72 -17.09
N VAL A 137 5.69 -10.11 -17.66
CA VAL A 137 5.58 -9.54 -19.00
C VAL A 137 6.62 -10.10 -19.96
N ILE A 138 7.89 -9.97 -19.62
CA ILE A 138 8.95 -10.29 -20.58
C ILE A 138 9.11 -11.80 -20.74
N SER A 139 9.14 -12.52 -19.63
CA SER A 139 9.31 -13.98 -19.70
C SER A 139 8.20 -14.67 -20.49
N PRO A 140 6.91 -14.36 -20.29
CA PRO A 140 5.89 -15.04 -21.11
C PRO A 140 5.88 -14.61 -22.57
N LEU A 141 6.17 -13.34 -22.87
CA LEU A 141 6.09 -12.89 -24.25
C LEU A 141 7.28 -13.40 -25.06
N VAL A 142 8.48 -13.33 -24.50
CA VAL A 142 9.66 -13.84 -25.20
C VAL A 142 9.61 -15.36 -25.26
N GLY A 143 9.16 -16.01 -24.19
CA GLY A 143 9.09 -17.46 -24.20
C GLY A 143 8.07 -17.98 -25.22
N ALA A 144 6.96 -17.28 -25.37
CA ALA A 144 5.96 -17.68 -26.37
C ALA A 144 6.49 -17.52 -27.77
N PHE A 145 7.24 -16.45 -28.04
CA PHE A 145 7.74 -16.21 -29.39
C PHE A 145 8.74 -17.26 -29.81
N VAL A 146 9.68 -17.62 -28.93
CA VAL A 146 10.70 -18.60 -29.30
C VAL A 146 10.10 -19.97 -29.46
N VAL A 147 9.13 -20.33 -28.62
CA VAL A 147 8.49 -21.63 -28.73
C VAL A 147 7.77 -21.76 -30.07
N ILE A 148 7.07 -20.71 -30.49
CA ILE A 148 6.40 -20.75 -31.78
C ILE A 148 7.40 -20.88 -32.92
N MET A 149 8.50 -20.14 -32.85
CA MET A 149 9.51 -20.19 -33.90
C MET A 149 10.19 -21.56 -33.95
N VAL A 150 10.55 -22.11 -32.78
CA VAL A 150 11.18 -23.43 -32.76
C VAL A 150 10.22 -24.49 -33.28
N VAL A 151 8.96 -24.41 -32.88
CA VAL A 151 7.97 -25.38 -33.35
C VAL A 151 7.77 -25.23 -34.86
N THR A 152 7.64 -24.00 -35.34
CA THR A 152 7.44 -23.77 -36.77
C THR A 152 8.64 -24.24 -37.58
N ILE A 153 9.85 -23.92 -37.13
CA ILE A 153 11.04 -24.32 -37.85
C ILE A 153 11.20 -25.83 -37.81
N GLY A 154 11.08 -26.42 -36.62
CA GLY A 154 11.25 -27.85 -36.50
C GLY A 154 10.20 -28.65 -37.24
N LEU A 155 8.99 -28.09 -37.34
CA LEU A 155 7.88 -28.80 -37.94
C LEU A 155 7.80 -28.57 -39.44
N SER A 156 8.63 -27.68 -39.99
CA SER A 156 8.70 -27.46 -41.43
C SER A 156 9.60 -28.44 -42.13
N PHE A 157 10.32 -29.28 -41.40
CA PHE A 157 11.06 -30.36 -42.03
C PHE A 157 10.13 -31.42 -42.58
N LEU A 158 8.86 -31.39 -42.17
CA LEU A 158 7.88 -32.32 -42.71
C LEU A 158 7.07 -31.68 -43.83
N ASP A 159 6.54 -30.49 -43.59
CA ASP A 159 5.71 -29.82 -44.58
C ASP A 159 5.73 -28.32 -44.31
N PHE A 160 6.09 -27.53 -45.31
CA PHE A 160 6.17 -26.09 -45.12
C PHE A 160 4.79 -25.46 -45.01
N THR A 161 3.83 -25.94 -45.80
CA THR A 161 2.49 -25.36 -45.76
C THR A 161 1.84 -25.54 -44.41
N LEU A 162 1.95 -26.75 -43.85
CA LEU A 162 1.33 -27.03 -42.56
C LEU A 162 2.05 -26.29 -41.43
N ALA A 163 3.38 -26.25 -41.48
CA ALA A 163 4.14 -25.59 -40.43
C ALA A 163 3.83 -24.09 -40.38
N PHE A 164 3.74 -23.45 -41.54
CA PHE A 164 3.45 -22.03 -41.57
C PHE A 164 1.98 -21.73 -41.30
N THR A 165 1.10 -22.71 -41.48
CA THR A 165 -0.30 -22.50 -41.11
C THR A 165 -0.47 -22.52 -39.60
N LEU A 166 0.13 -23.51 -38.93
CA LEU A 166 0.06 -23.56 -37.47
C LEU A 166 0.93 -22.48 -36.85
N GLY A 167 2.16 -22.32 -37.35
CA GLY A 167 3.02 -21.26 -36.84
C GLY A 167 2.49 -19.88 -37.18
N GLY A 168 1.87 -19.74 -38.35
CA GLY A 168 1.30 -18.45 -38.71
C GLY A 168 0.13 -18.06 -37.83
N ILE A 169 -0.75 -19.01 -37.53
CA ILE A 169 -1.89 -18.74 -36.68
C ILE A 169 -1.42 -18.38 -35.27
N MET A 170 -0.42 -19.10 -34.76
CA MET A 170 0.10 -18.80 -33.43
C MET A 170 0.86 -17.49 -33.40
N LEU A 171 1.63 -17.19 -34.45
CA LEU A 171 2.31 -15.89 -34.51
C LEU A 171 1.31 -14.77 -34.67
N LEU A 172 0.27 -14.99 -35.46
CA LEU A 172 -0.69 -13.94 -35.75
C LEU A 172 -1.51 -13.60 -34.51
N THR A 173 -1.85 -14.61 -33.70
CA THR A 173 -2.55 -14.32 -32.45
C THR A 173 -1.60 -13.78 -31.38
N LEU A 174 -0.32 -14.12 -31.43
CA LEU A 174 0.63 -13.58 -30.47
C LEU A 174 0.81 -12.08 -30.67
N PHE A 175 0.85 -11.62 -31.92
CA PHE A 175 1.15 -10.22 -32.20
C PHE A 175 -0.09 -9.35 -32.35
N LEU A 176 -1.22 -9.91 -32.76
CA LEU A 176 -2.42 -9.11 -32.97
C LEU A 176 -3.35 -9.09 -31.78
N MET A 177 -3.65 -10.24 -31.19
CA MET A 177 -4.70 -10.28 -30.17
C MET A 177 -4.37 -9.46 -28.92
N PRO A 178 -3.16 -9.50 -28.36
CA PRO A 178 -2.90 -8.72 -27.14
C PRO A 178 -3.05 -7.22 -27.36
N PRO A 179 -2.48 -6.64 -28.43
CA PRO A 179 -2.75 -5.22 -28.67
C PRO A 179 -4.23 -4.91 -28.90
N LEU A 180 -4.95 -5.83 -29.52
CA LEU A 180 -6.37 -5.58 -29.79
C LEU A 180 -7.18 -5.57 -28.50
N PHE A 181 -6.84 -6.44 -27.55
CA PHE A 181 -7.53 -6.46 -26.27
C PHE A 181 -7.02 -5.38 -25.33
N TYR A 182 -5.76 -4.98 -25.47
CA TYR A 182 -5.27 -3.85 -24.69
C TYR A 182 -5.94 -2.56 -25.13
N ARG A 183 -6.25 -2.45 -26.42
CA ARG A 183 -6.94 -1.27 -26.92
C ARG A 183 -8.42 -1.30 -26.58
N ALA A 184 -9.04 -2.48 -26.61
CA ALA A 184 -10.47 -2.57 -26.38
C ALA A 184 -10.84 -2.23 -24.95
N GLY A 185 -9.97 -2.49 -24.00
CA GLY A 185 -10.21 -2.20 -22.61
C GLY A 185 -9.48 -0.98 -22.08
N LYS A 186 -8.97 -0.12 -22.94
CA LYS A 186 -8.28 1.07 -22.45
C LYS A 186 -9.26 2.12 -21.97
N SER A 187 -10.45 2.17 -22.59
CA SER A 187 -11.49 3.08 -22.13
C SER A 187 -12.03 2.67 -20.77
N THR A 188 -12.20 1.36 -20.55
CA THR A 188 -12.67 0.87 -19.26
C THR A 188 -11.60 1.01 -18.20
N GLY A 189 -10.33 0.82 -18.57
CA GLY A 189 -9.26 0.94 -17.60
C GLY A 189 -8.98 2.35 -17.17
N GLN A 190 -9.55 3.34 -17.86
CA GLN A 190 -9.43 4.73 -17.44
C GLN A 190 -10.59 5.14 -16.54
N ASN A 191 -11.79 4.70 -16.87
CA ASN A 191 -12.91 4.88 -15.96
C ASN A 191 -12.69 4.12 -14.67
N LEU A 192 -11.87 3.07 -14.72
CA LEU A 192 -11.60 2.28 -13.53
C LEU A 192 -10.64 3.00 -12.60
N THR A 193 -9.61 3.64 -13.15
CA THR A 193 -8.69 4.41 -12.33
C THR A 193 -9.36 5.65 -11.76
N HIS A 194 -10.22 6.28 -12.55
CA HIS A 194 -10.92 7.46 -12.08
C HIS A 194 -11.87 7.12 -10.94
N LEU A 195 -12.57 6.00 -11.04
CA LEU A 195 -13.55 5.63 -10.03
C LEU A 195 -12.88 5.10 -8.77
N ARG A 196 -11.70 4.52 -8.90
CA ARG A 196 -10.97 4.07 -7.72
C ARG A 196 -10.44 5.25 -6.92
N GLY A 197 -9.91 6.27 -7.60
CA GLY A 197 -9.40 7.43 -6.91
C GLY A 197 -10.51 8.28 -6.33
N GLN A 198 -11.67 8.29 -6.99
CA GLN A 198 -12.82 9.00 -6.46
C GLN A 198 -13.38 8.32 -5.22
N TYR A 199 -13.41 6.98 -5.22
CA TYR A 199 -13.85 6.27 -4.03
C TYR A 199 -12.89 6.49 -2.86
N ARG A 200 -11.59 6.48 -3.14
CA ARG A 200 -10.62 6.68 -2.07
C ARG A 200 -10.74 8.09 -1.48
N GLN A 201 -11.06 9.06 -2.32
CA GLN A 201 -11.23 10.43 -1.84
C GLN A 201 -12.48 10.56 -1.00
N GLN A 202 -13.57 9.91 -1.40
CA GLN A 202 -14.80 9.99 -0.63
C GLN A 202 -14.71 9.17 0.64
N LEU A 203 -13.90 8.11 0.65
CA LEU A 203 -13.72 7.31 1.86
C LEU A 203 -12.85 8.04 2.87
N THR A 204 -11.78 8.67 2.40
CA THR A 204 -10.91 9.41 3.31
C THR A 204 -11.63 10.60 3.91
N ALA A 205 -12.46 11.29 3.13
CA ALA A 205 -13.23 12.40 3.67
C ALA A 205 -14.30 11.92 4.63
N TRP A 206 -14.84 10.73 4.41
CA TRP A 206 -15.86 10.19 5.29
C TRP A 206 -15.27 9.67 6.59
N LEU A 207 -14.04 9.16 6.55
CA LEU A 207 -13.38 8.68 7.75
C LEU A 207 -12.77 9.82 8.56
N GLN A 208 -12.09 10.75 7.89
CA GLN A 208 -11.47 11.86 8.61
C GLN A 208 -12.51 12.79 9.20
N GLY A 209 -13.61 13.00 8.50
CA GLY A 209 -14.65 13.87 8.99
C GLY A 209 -15.74 13.12 9.71
N GLN A 210 -15.39 12.05 10.40
CA GLN A 210 -16.39 11.23 11.06
C GLN A 210 -16.99 11.96 12.26
N ALA A 211 -16.18 12.69 13.01
CA ALA A 211 -16.69 13.46 14.13
C ALA A 211 -17.64 14.56 13.64
N GLU A 212 -17.24 15.25 12.57
CA GLU A 212 -18.06 16.33 12.04
C GLU A 212 -19.35 15.79 11.43
N LEU A 213 -19.27 14.71 10.66
CA LEU A 213 -20.45 14.20 10.00
C LEU A 213 -21.46 13.65 10.99
N THR A 214 -20.99 12.93 12.02
CA THR A 214 -21.91 12.36 13.00
C THR A 214 -22.62 13.44 13.81
N ILE A 215 -21.89 14.49 14.18
CA ILE A 215 -22.48 15.55 14.99
C ILE A 215 -23.55 16.28 14.21
N PHE A 216 -23.32 16.53 12.93
CA PHE A 216 -24.24 17.26 12.09
C PHE A 216 -25.23 16.36 11.37
N GLY A 217 -25.25 15.06 11.68
CA GLY A 217 -26.27 14.18 11.18
C GLY A 217 -26.14 13.79 9.73
N ALA A 218 -24.97 14.00 9.13
CA ALA A 218 -24.77 13.72 7.71
C ALA A 218 -23.97 12.45 7.46
N SER A 219 -23.66 11.68 8.48
CA SER A 219 -22.78 10.54 8.31
C SER A 219 -23.45 9.42 7.53
N ASP A 220 -24.78 9.41 7.48
CA ASP A 220 -25.49 8.32 6.82
C ASP A 220 -25.70 8.61 5.34
N ARG A 221 -25.84 9.88 4.97
CA ARG A 221 -26.03 10.20 3.57
C ARG A 221 -24.72 10.40 2.85
N TYR A 222 -23.63 10.61 3.58
CA TYR A 222 -22.32 10.66 2.92
C TYR A 222 -21.75 9.27 2.75
N ARG A 223 -22.27 8.29 3.50
CA ARG A 223 -21.97 6.90 3.20
C ARG A 223 -22.82 6.38 2.06
N THR A 224 -23.97 7.02 1.82
CA THR A 224 -24.79 6.61 0.69
C THR A 224 -24.15 6.98 -0.63
N GLN A 225 -23.56 8.17 -0.74
CA GLN A 225 -22.88 8.47 -1.99
C GLN A 225 -21.55 7.75 -2.10
N LEU A 226 -21.00 7.29 -0.98
CA LEU A 226 -19.82 6.46 -1.02
C LEU A 226 -20.15 5.08 -1.59
N GLU A 227 -21.29 4.53 -1.20
CA GLU A 227 -21.74 3.26 -1.76
C GLU A 227 -22.17 3.41 -3.22
N ASN A 228 -22.63 4.59 -3.61
CA ASN A 228 -22.96 4.82 -5.02
C ASN A 228 -21.71 4.85 -5.87
N THR A 229 -20.64 5.43 -5.37
CA THR A 229 -19.37 5.40 -6.10
C THR A 229 -18.82 3.98 -6.20
N GLU A 230 -18.97 3.20 -5.12
CA GLU A 230 -18.51 1.82 -5.15
C GLU A 230 -19.30 1.00 -6.15
N ILE A 231 -20.59 1.28 -6.30
CA ILE A 231 -21.40 0.56 -7.27
C ILE A 231 -20.94 0.87 -8.69
N GLN A 232 -20.68 2.16 -8.98
CA GLN A 232 -20.13 2.51 -10.28
C GLN A 232 -18.76 1.91 -10.48
N TRP A 233 -17.95 1.89 -9.42
CA TRP A 233 -16.62 1.29 -9.50
C TRP A 233 -16.69 -0.20 -9.76
N LEU A 234 -17.64 -0.88 -9.13
CA LEU A 234 -17.79 -2.31 -9.36
C LEU A 234 -18.43 -2.61 -10.71
N GLU A 235 -19.12 -1.63 -11.30
CA GLU A 235 -19.65 -1.82 -12.65
C GLU A 235 -18.55 -1.69 -13.69
N ALA A 236 -17.52 -0.89 -13.40
CA ALA A 236 -16.38 -0.81 -14.29
C ALA A 236 -15.51 -2.04 -14.18
N GLN A 237 -15.47 -2.65 -13.00
CA GLN A 237 -14.72 -3.89 -12.83
C GLN A 237 -15.42 -5.06 -13.50
N ARG A 238 -16.76 -5.03 -13.51
CA ARG A 238 -17.51 -6.07 -14.21
C ARG A 238 -17.31 -5.98 -15.71
N ARG A 239 -17.21 -4.75 -16.22
CA ARG A 239 -16.98 -4.54 -17.67
C ARG A 239 -15.57 -5.05 -18.02
N GLN A 240 -14.61 -4.82 -17.13
CA GLN A 240 -13.25 -5.28 -17.38
C GLN A 240 -13.13 -6.80 -17.27
N SER A 241 -13.98 -7.43 -16.47
CA SER A 241 -13.98 -8.89 -16.39
C SER A 241 -14.61 -9.51 -17.62
N GLU A 242 -15.56 -8.81 -18.24
CA GLU A 242 -16.17 -9.31 -19.47
C GLU A 242 -15.22 -9.23 -20.65
N LEU A 243 -14.22 -8.35 -20.59
CA LEU A 243 -13.20 -8.33 -21.62
C LEU A 243 -12.23 -9.49 -21.45
N THR A 244 -11.81 -9.76 -20.21
CA THR A 244 -10.99 -10.94 -19.95
C THR A 244 -11.75 -12.22 -20.23
N ALA A 245 -13.06 -12.20 -20.03
CA ALA A 245 -13.87 -13.37 -20.39
C ALA A 245 -13.85 -13.60 -21.89
N LEU A 246 -13.92 -12.54 -22.68
CA LEU A 246 -13.87 -12.68 -24.13
C LEU A 246 -12.51 -13.16 -24.60
N SER A 247 -11.43 -12.65 -24.02
CA SER A 247 -10.10 -13.02 -24.50
C SER A 247 -9.79 -14.48 -24.18
N GLN A 248 -10.34 -14.97 -23.07
CA GLN A 248 -10.11 -16.39 -22.66
C GLN A 248 -10.95 -17.31 -23.55
N ALA A 249 -12.12 -16.85 -23.99
CA ALA A 249 -12.97 -17.63 -24.89
C ALA A 249 -12.42 -17.62 -26.30
N ILE A 250 -11.86 -16.48 -26.73
CA ILE A 250 -11.32 -16.39 -28.08
C ILE A 250 -10.03 -17.20 -28.19
N MET A 251 -9.22 -17.22 -27.14
CA MET A 251 -8.05 -18.09 -27.10
C MET A 251 -8.41 -19.56 -27.28
N LEU A 252 -9.56 -19.98 -26.75
CA LEU A 252 -9.95 -21.37 -26.93
C LEU A 252 -10.40 -21.64 -28.36
N LEU A 253 -10.98 -20.64 -29.02
CA LEU A 253 -11.43 -20.82 -30.40
C LEU A 253 -10.28 -20.79 -31.38
N ILE A 254 -9.25 -19.98 -31.11
CA ILE A 254 -8.07 -19.97 -31.97
C ILE A 254 -7.32 -21.29 -31.85
N GLY A 255 -7.21 -21.83 -30.64
CA GLY A 255 -6.66 -23.16 -30.49
C GLY A 255 -7.50 -24.22 -31.15
N ALA A 256 -8.82 -24.04 -31.14
CA ALA A 256 -9.71 -24.94 -31.86
C ALA A 256 -9.49 -24.87 -33.37
N LEU A 257 -9.31 -23.67 -33.89
CA LEU A 257 -9.11 -23.50 -35.32
C LEU A 257 -7.82 -24.18 -35.78
N ALA A 258 -6.75 -24.05 -35.01
CA ALA A 258 -5.49 -24.68 -35.38
C ALA A 258 -5.62 -26.20 -35.42
N VAL A 259 -6.29 -26.79 -34.43
CA VAL A 259 -6.50 -28.24 -34.42
C VAL A 259 -7.36 -28.66 -35.60
N ILE A 260 -8.43 -27.91 -35.88
CA ILE A 260 -9.32 -28.25 -36.97
C ILE A 260 -8.58 -28.15 -38.31
N LEU A 261 -7.79 -27.10 -38.49
CA LEU A 261 -7.04 -26.94 -39.73
C LEU A 261 -6.01 -28.05 -39.89
N MET A 262 -5.29 -28.40 -38.82
CA MET A 262 -4.33 -29.49 -38.91
C MET A 262 -5.02 -30.82 -39.19
N LEU A 263 -6.17 -31.06 -38.58
CA LEU A 263 -6.92 -32.27 -38.90
C LEU A 263 -7.33 -32.30 -40.36
N TRP A 264 -7.79 -31.16 -40.89
CA TRP A 264 -8.26 -31.07 -42.26
C TRP A 264 -7.10 -31.02 -43.25
N MET A 265 -6.20 -30.04 -43.09
CA MET A 265 -5.15 -29.84 -44.07
C MET A 265 -4.18 -31.00 -44.11
N ALA A 266 -3.79 -31.54 -42.95
CA ALA A 266 -2.84 -32.64 -42.95
C ALA A 266 -3.45 -33.93 -43.43
N SER A 267 -4.77 -34.04 -43.43
CA SER A 267 -5.42 -35.23 -43.99
C SER A 267 -5.18 -35.31 -45.49
N GLY A 268 -5.17 -34.16 -46.16
CA GLY A 268 -4.90 -34.17 -47.59
C GLY A 268 -3.51 -34.66 -47.93
N GLY A 269 -2.52 -34.27 -47.14
CA GLY A 269 -1.18 -34.76 -47.36
C GLY A 269 -0.13 -34.00 -46.55
N VAL A 270 0.86 -34.73 -46.04
CA VAL A 270 1.96 -34.14 -45.29
C VAL A 270 3.20 -34.26 -46.16
N GLY A 271 3.78 -33.13 -46.54
CA GLY A 271 4.87 -33.16 -47.50
C GLY A 271 4.38 -33.68 -48.83
N GLY A 272 5.21 -34.52 -49.46
CA GLY A 272 4.80 -35.13 -50.71
C GLY A 272 3.87 -36.33 -50.52
N ASN A 273 3.78 -36.83 -49.30
CA ASN A 273 3.01 -38.03 -49.04
C ASN A 273 1.52 -37.73 -49.03
N ALA A 274 0.80 -38.26 -50.02
CA ALA A 274 -0.64 -38.05 -50.09
C ALA A 274 -1.37 -38.96 -49.12
N GLN A 275 -0.66 -39.91 -48.51
CA GLN A 275 -1.22 -40.81 -47.52
C GLN A 275 -0.37 -40.69 -46.26
N PRO A 276 -0.62 -39.70 -45.41
CA PRO A 276 0.33 -39.37 -44.34
C PRO A 276 0.34 -40.37 -43.20
N GLY A 277 -0.83 -40.86 -42.82
CA GLY A 277 -0.92 -41.81 -41.74
C GLY A 277 -0.50 -41.25 -40.40
N ALA A 278 0.63 -41.72 -39.87
CA ALA A 278 1.06 -41.29 -38.55
C ALA A 278 1.39 -39.81 -38.50
N LEU A 279 1.70 -39.21 -39.64
CA LEU A 279 2.11 -37.81 -39.65
C LEU A 279 0.94 -36.86 -39.45
N ILE A 280 -0.30 -37.32 -39.61
CA ILE A 280 -1.45 -36.49 -39.27
C ILE A 280 -1.49 -36.24 -37.77
N ALA A 281 -1.29 -37.30 -36.98
CA ALA A 281 -1.33 -37.17 -35.53
C ALA A 281 -0.16 -36.38 -34.99
N LEU A 282 0.93 -36.31 -35.75
CA LEU A 282 2.04 -35.46 -35.34
C LEU A 282 1.65 -33.99 -35.34
N PHE A 283 0.86 -33.57 -36.32
CA PHE A 283 0.51 -32.15 -36.46
C PHE A 283 -0.63 -31.76 -35.53
N VAL A 284 -1.63 -32.62 -35.37
CA VAL A 284 -2.76 -32.26 -34.51
C VAL A 284 -2.36 -32.26 -33.06
N PHE A 285 -1.41 -33.12 -32.66
CA PHE A 285 -0.98 -33.15 -31.28
C PHE A 285 0.03 -32.06 -30.98
N CYS A 286 0.78 -31.62 -31.99
CA CYS A 286 1.57 -30.40 -31.83
C CYS A 286 0.67 -29.20 -31.65
N ALA A 287 -0.41 -29.12 -32.44
CA ALA A 287 -1.34 -28.00 -32.32
C ALA A 287 -2.06 -28.02 -30.98
N LEU A 288 -2.39 -29.20 -30.48
CA LEU A 288 -3.05 -29.30 -29.17
C LEU A 288 -2.13 -28.78 -28.07
N ALA A 289 -0.86 -29.17 -28.10
CA ALA A 289 0.05 -28.82 -27.03
C ALA A 289 0.65 -27.44 -27.18
N ALA A 290 0.73 -26.92 -28.41
CA ALA A 290 1.50 -25.71 -28.66
C ALA A 290 0.82 -24.47 -28.08
N PHE A 291 -0.47 -24.52 -27.85
CA PHE A 291 -1.16 -23.31 -27.45
C PHE A 291 -1.07 -23.04 -25.95
N GLU A 292 -0.40 -23.91 -25.19
CA GLU A 292 -0.09 -23.59 -23.80
C GLU A 292 0.87 -22.42 -23.71
N ALA A 293 1.75 -22.27 -24.70
CA ALA A 293 2.74 -21.19 -24.67
C ALA A 293 2.08 -19.82 -24.75
N LEU A 294 0.90 -19.74 -25.33
CA LEU A 294 0.20 -18.48 -25.50
C LEU A 294 -0.80 -18.18 -24.40
N ALA A 295 -0.92 -19.06 -23.40
CA ALA A 295 -1.85 -18.81 -22.30
C ALA A 295 -1.55 -17.54 -21.52
N PRO A 296 -0.31 -17.21 -21.16
CA PRO A 296 -0.07 -16.01 -20.35
C PRO A 296 0.03 -14.73 -21.15
N VAL A 297 -0.23 -14.74 -22.45
CA VAL A 297 0.28 -13.70 -23.33
C VAL A 297 -0.59 -12.45 -23.30
N THR A 298 -1.91 -12.61 -23.38
CA THR A 298 -2.77 -11.43 -23.34
C THR A 298 -2.76 -10.80 -21.96
N GLY A 299 -2.78 -11.62 -20.92
CA GLY A 299 -2.60 -11.09 -19.58
C GLY A 299 -1.26 -10.42 -19.38
N ALA A 300 -0.22 -10.90 -20.08
CA ALA A 300 1.09 -10.28 -19.99
C ALA A 300 1.10 -8.89 -20.61
N PHE A 301 0.42 -8.73 -21.74
CA PHE A 301 0.40 -7.45 -22.42
C PHE A 301 -0.48 -6.44 -21.69
N GLN A 302 -1.49 -6.90 -20.95
CA GLN A 302 -2.26 -6.00 -20.11
C GLN A 302 -1.38 -5.40 -19.03
N HIS A 303 -0.61 -6.25 -18.34
CA HIS A 303 0.24 -5.79 -17.26
C HIS A 303 1.34 -4.87 -17.74
N LEU A 304 1.68 -4.91 -19.03
CA LEU A 304 2.62 -3.94 -19.58
C LEU A 304 2.09 -2.53 -19.46
N GLY A 305 0.77 -2.35 -19.46
CA GLY A 305 0.22 -1.03 -19.27
C GLY A 305 0.46 -0.49 -17.87
N GLN A 306 0.32 -1.34 -16.86
CA GLN A 306 0.63 -0.94 -15.49
C GLN A 306 2.12 -0.70 -15.31
N VAL A 307 2.95 -1.56 -15.90
CA VAL A 307 4.40 -1.44 -15.74
C VAL A 307 4.89 -0.18 -16.43
N ILE A 308 4.33 0.16 -17.58
CA ILE A 308 4.74 1.36 -18.30
C ILE A 308 4.30 2.62 -17.55
N ALA A 309 3.11 2.58 -16.96
CA ALA A 309 2.66 3.70 -16.16
C ALA A 309 3.60 3.96 -14.99
N SER A 310 4.02 2.90 -14.31
CA SER A 310 4.92 3.04 -13.17
C SER A 310 6.30 3.47 -13.61
N ALA A 311 6.74 3.06 -14.79
CA ALA A 311 8.07 3.44 -15.27
C ALA A 311 8.13 4.93 -15.58
N VAL A 312 7.07 5.47 -16.18
CA VAL A 312 7.00 6.92 -16.41
C VAL A 312 6.96 7.65 -15.09
N ARG A 313 6.16 7.15 -14.16
CA ARG A 313 5.97 7.81 -12.88
C ARG A 313 7.27 7.83 -12.07
N ILE A 314 8.02 6.74 -12.10
CA ILE A 314 9.31 6.71 -11.40
C ILE A 314 10.31 7.61 -12.11
N SER A 315 10.33 7.58 -13.44
CA SER A 315 11.25 8.43 -14.18
C SER A 315 10.93 9.90 -14.02
N ASP A 316 9.66 10.24 -13.85
CA ASP A 316 9.30 11.63 -13.58
C ASP A 316 9.92 12.12 -12.27
N LEU A 317 10.16 11.21 -11.34
CA LEU A 317 10.65 11.59 -10.02
C LEU A 317 12.17 11.53 -9.93
N THR A 318 12.77 10.48 -10.48
CA THR A 318 14.21 10.29 -10.35
C THR A 318 15.01 11.01 -11.43
N ASP A 319 14.36 11.61 -12.42
CA ASP A 319 15.06 12.36 -13.45
C ASP A 319 15.03 13.87 -13.20
N GLN A 320 14.53 14.30 -12.04
CA GLN A 320 14.59 15.71 -11.68
C GLN A 320 16.04 16.14 -11.51
N LYS A 321 16.28 17.43 -11.69
CA LYS A 321 17.63 17.96 -11.59
C LYS A 321 17.97 18.26 -10.12
N PRO A 322 19.06 17.72 -9.59
CA PRO A 322 19.48 18.13 -8.24
C PRO A 322 19.95 19.58 -8.26
N GLU A 323 19.45 20.37 -7.32
CA GLU A 323 19.70 21.80 -7.30
C GLU A 323 20.94 22.17 -6.51
N VAL A 324 21.66 21.19 -5.97
CA VAL A 324 22.90 21.42 -5.25
C VAL A 324 23.96 20.47 -5.77
N THR A 325 25.15 21.01 -6.06
CA THR A 325 26.28 20.22 -6.49
C THR A 325 27.41 20.36 -5.50
N PHE A 326 28.21 19.30 -5.36
CA PHE A 326 29.29 19.27 -4.40
C PHE A 326 30.60 19.02 -5.13
N PRO A 327 31.67 19.76 -4.80
CA PRO A 327 32.96 19.50 -5.43
C PRO A 327 33.57 18.18 -4.99
N ASP A 328 34.75 17.86 -5.51
CA ASP A 328 35.45 16.62 -5.16
C ASP A 328 36.67 16.87 -4.30
N THR A 329 36.88 18.10 -3.84
CA THR A 329 38.06 18.42 -3.05
C THR A 329 38.03 17.70 -1.72
N GLN A 330 39.17 17.16 -1.31
CA GLN A 330 39.28 16.43 -0.04
C GLN A 330 39.69 17.41 1.07
N THR A 331 38.77 18.31 1.37
CA THR A 331 39.01 19.31 2.40
C THR A 331 39.08 18.65 3.78
N ARG A 332 39.93 19.21 4.63
CA ARG A 332 40.08 18.72 6.00
C ARG A 332 39.12 19.49 6.90
N VAL A 333 38.28 18.75 7.64
CA VAL A 333 37.28 19.39 8.49
C VAL A 333 37.98 20.03 9.69
N ALA A 334 37.69 21.31 9.92
CA ALA A 334 38.29 22.01 11.03
C ALA A 334 37.63 21.60 12.34
N ASP A 335 38.38 21.74 13.43
CA ASP A 335 37.86 21.47 14.77
C ASP A 335 37.13 22.67 15.36
N ARG A 336 37.22 23.84 14.75
CA ARG A 336 36.58 25.04 15.25
C ARG A 336 36.00 25.77 14.06
N VAL A 337 34.69 26.00 14.07
CA VAL A 337 33.97 26.56 12.93
C VAL A 337 33.44 27.93 13.30
N SER A 338 33.75 28.92 12.47
CA SER A 338 33.23 30.27 12.62
C SER A 338 32.38 30.61 11.41
N LEU A 339 31.07 30.61 11.60
CA LEU A 339 30.12 30.86 10.51
C LEU A 339 29.88 32.36 10.38
N THR A 340 29.97 32.85 9.14
CA THR A 340 29.63 34.23 8.85
C THR A 340 28.68 34.28 7.67
N LEU A 341 27.71 35.18 7.74
CA LEU A 341 26.70 35.34 6.69
C LEU A 341 26.78 36.76 6.14
N ARG A 342 26.43 36.90 4.86
CA ARG A 342 26.45 38.20 4.19
C ARG A 342 25.25 38.27 3.24
N ASP A 343 24.32 39.16 3.55
CA ASP A 343 23.20 39.48 2.66
C ASP A 343 22.37 38.23 2.32
N VAL A 344 22.17 37.36 3.31
CA VAL A 344 21.39 36.14 3.13
C VAL A 344 20.08 36.31 3.90
N GLN A 345 18.99 35.78 3.34
CA GLN A 345 17.69 35.92 3.95
C GLN A 345 17.45 34.82 4.97
N PHE A 346 16.84 35.18 6.09
CA PHE A 346 16.49 34.24 7.14
C PHE A 346 15.25 33.43 6.81
N THR A 347 14.34 33.97 6.00
CA THR A 347 13.07 33.31 5.76
C THR A 347 12.59 33.66 4.36
N TYR A 348 11.57 32.94 3.90
CA TYR A 348 11.02 33.17 2.57
C TYR A 348 10.46 34.59 2.46
N PRO A 349 10.18 35.00 1.22
CA PRO A 349 9.60 36.31 0.96
C PRO A 349 8.28 36.47 1.69
N GLU A 350 7.52 35.37 1.82
CA GLU A 350 6.26 35.34 2.56
C GLU A 350 5.27 36.36 1.99
N GLN A 351 5.26 36.49 0.67
CA GLN A 351 4.37 37.40 -0.06
C GLN A 351 4.50 38.84 0.42
N SER A 352 5.65 39.21 0.97
CA SER A 352 5.86 40.59 1.38
C SER A 352 6.00 41.51 0.17
N GLN A 353 6.66 41.03 -0.89
CA GLN A 353 6.91 41.82 -2.09
C GLN A 353 7.63 43.13 -1.76
N GLN A 354 8.55 43.08 -0.81
CA GLN A 354 9.32 44.24 -0.39
C GLN A 354 10.80 44.11 -0.70
N ALA A 355 11.22 43.02 -1.35
CA ALA A 355 12.62 42.77 -1.67
C ALA A 355 13.49 42.89 -0.41
N LEU A 356 13.22 42.00 0.53
CA LEU A 356 13.88 42.06 1.83
C LEU A 356 15.39 41.90 1.68
N LYS A 357 16.12 42.74 2.40
CA LYS A 357 17.60 42.70 2.38
C LYS A 357 18.07 41.51 3.22
N GLY A 358 19.35 41.16 3.09
CA GLY A 358 19.92 40.05 3.81
C GLY A 358 20.09 40.33 5.29
N ILE A 359 20.38 39.25 6.03
CA ILE A 359 20.59 39.37 7.46
C ILE A 359 22.03 39.77 7.76
N SER A 360 22.99 38.98 7.26
CA SER A 360 24.42 39.28 7.41
C SER A 360 24.83 39.35 8.87
N LEU A 361 24.71 38.21 9.56
CA LEU A 361 25.19 38.07 10.92
C LEU A 361 26.52 37.33 10.90
N GLN A 362 27.16 37.27 12.06
CA GLN A 362 28.48 36.67 12.18
C GLN A 362 28.56 35.85 13.46
N VAL A 363 29.08 34.63 13.35
CA VAL A 363 29.16 33.71 14.48
C VAL A 363 30.62 33.34 14.67
N ASN A 364 31.22 33.83 15.76
CA ASN A 364 32.57 33.44 16.10
C ASN A 364 32.60 32.00 16.60
N ALA A 365 33.78 31.40 16.58
CA ALA A 365 33.93 30.04 17.05
C ALA A 365 33.70 29.95 18.55
N GLY A 366 32.91 28.96 18.96
CA GLY A 366 32.64 28.69 20.35
C GLY A 366 31.47 29.44 20.95
N GLU A 367 30.82 30.34 20.21
CA GLU A 367 29.80 31.18 20.78
C GLU A 367 28.40 30.68 20.39
N HIS A 368 27.48 30.80 21.34
CA HIS A 368 26.10 30.38 21.17
C HIS A 368 25.25 31.58 20.80
N ILE A 369 24.55 31.49 19.68
CA ILE A 369 23.70 32.57 19.19
C ILE A 369 22.30 32.03 18.96
N ALA A 370 21.30 32.72 19.49
CA ALA A 370 19.91 32.36 19.34
C ALA A 370 19.22 33.35 18.43
N ILE A 371 18.50 32.84 17.43
CA ILE A 371 17.76 33.69 16.49
C ILE A 371 16.29 33.61 16.88
N LEU A 372 15.75 34.73 17.34
CA LEU A 372 14.40 34.81 17.90
C LEU A 372 13.49 35.48 16.89
N GLY A 373 12.50 34.74 16.40
CA GLY A 373 11.65 35.23 15.33
C GLY A 373 10.19 35.04 15.66
N ARG A 374 9.39 35.98 15.16
CA ARG A 374 7.96 36.03 15.46
C ARG A 374 7.26 34.73 15.08
N THR A 375 6.38 34.27 15.96
CA THR A 375 5.59 33.08 15.70
C THR A 375 4.56 33.38 14.61
N GLY A 376 4.37 32.43 13.70
CA GLY A 376 3.38 32.56 12.66
C GLY A 376 3.81 33.33 11.43
N CYS A 377 5.03 33.85 11.42
CA CYS A 377 5.55 34.56 10.27
C CYS A 377 6.03 33.55 9.23
N GLY A 378 6.76 34.04 8.23
CA GLY A 378 7.35 33.16 7.24
C GLY A 378 8.24 32.13 7.88
N LYS A 379 8.16 30.88 7.40
CA LYS A 379 8.93 29.80 7.99
C LYS A 379 10.43 30.03 7.80
N SER A 380 11.20 29.66 8.82
CA SER A 380 12.65 29.84 8.77
C SER A 380 13.26 28.94 7.71
N THR A 381 14.19 29.51 6.95
CA THR A 381 14.88 28.77 5.89
C THR A 381 16.40 28.81 6.08
N LEU A 382 16.88 29.25 7.23
CA LEU A 382 18.32 29.31 7.46
C LEU A 382 18.90 27.92 7.67
N LEU A 383 18.11 27.01 8.24
CA LEU A 383 18.57 25.64 8.42
C LEU A 383 18.79 24.95 7.08
N GLN A 384 17.89 25.18 6.12
CA GLN A 384 17.98 24.49 4.85
C GLN A 384 19.20 24.90 4.05
N GLN A 385 19.51 26.20 3.99
CA GLN A 385 20.63 26.69 3.21
C GLN A 385 21.94 26.66 3.97
N LEU A 386 21.93 26.23 5.23
CA LEU A 386 23.16 25.94 5.93
C LEU A 386 23.58 24.49 5.81
N THR A 387 22.63 23.58 5.64
CA THR A 387 22.92 22.20 5.29
C THR A 387 22.87 21.99 3.78
N ARG A 388 22.73 23.07 3.02
CA ARG A 388 22.77 23.03 1.55
C ARG A 388 21.61 22.21 0.98
N ALA A 389 20.41 22.43 1.52
CA ALA A 389 19.23 21.89 0.86
C ALA A 389 19.03 22.56 -0.49
N TRP A 390 19.26 23.86 -0.56
CA TRP A 390 19.27 24.58 -1.83
C TRP A 390 20.26 25.73 -1.69
N ASP A 391 20.82 26.14 -2.83
CA ASP A 391 21.79 27.22 -2.81
C ASP A 391 21.09 28.55 -2.50
N PRO A 392 21.77 29.45 -1.80
CA PRO A 392 21.18 30.78 -1.54
C PRO A 392 21.15 31.61 -2.82
N GLN A 393 19.96 32.04 -3.21
CA GLN A 393 19.84 32.82 -4.44
C GLN A 393 20.42 34.21 -4.27
N GLN A 394 20.48 34.71 -3.04
CA GLN A 394 21.05 36.02 -2.75
C GLN A 394 22.03 35.89 -1.59
N GLY A 395 23.08 36.69 -1.65
CA GLY A 395 24.08 36.68 -0.61
C GLY A 395 24.98 35.48 -0.69
N GLU A 396 25.87 35.37 0.29
CA GLU A 396 26.84 34.29 0.34
C GLU A 396 26.99 33.81 1.78
N ILE A 397 27.17 32.50 1.93
CA ILE A 397 27.32 31.86 3.23
C ILE A 397 28.75 31.33 3.30
N LEU A 398 29.53 31.85 4.23
CA LEU A 398 30.91 31.42 4.43
C LEU A 398 30.98 30.58 5.69
N LEU A 399 31.59 29.41 5.59
CA LEU A 399 31.78 28.51 6.72
C LEU A 399 33.27 28.47 7.01
N ASN A 400 33.67 29.06 8.13
CA ASN A 400 35.08 29.20 8.49
C ASN A 400 35.85 29.92 7.38
N ASP A 401 35.48 31.19 7.19
CA ASP A 401 36.01 32.12 6.18
C ASP A 401 36.35 31.43 4.86
N SER A 402 35.47 30.54 4.43
CA SER A 402 35.48 29.88 3.14
C SER A 402 34.06 29.62 2.70
N PRO A 403 33.77 29.74 1.41
CA PRO A 403 32.38 29.57 0.95
C PRO A 403 31.87 28.17 1.26
N ILE A 404 30.57 28.08 1.56
CA ILE A 404 29.99 26.81 1.94
C ILE A 404 29.93 25.87 0.74
N ALA A 405 29.81 26.41 -0.47
CA ALA A 405 29.76 25.58 -1.66
C ALA A 405 31.10 24.93 -1.97
N SER A 406 32.17 25.35 -1.30
CA SER A 406 33.49 24.77 -1.54
C SER A 406 33.71 23.48 -0.76
N LEU A 407 32.75 23.09 0.07
CA LEU A 407 32.89 21.87 0.86
C LEU A 407 32.31 20.69 0.09
N ASN A 408 33.06 19.60 0.03
CA ASN A 408 32.49 18.37 -0.48
C ASN A 408 31.48 17.83 0.52
N GLU A 409 30.59 16.95 0.03
CA GLU A 409 29.48 16.49 0.87
C GLU A 409 29.99 15.77 2.11
N ALA A 410 31.04 14.97 1.97
CA ALA A 410 31.55 14.23 3.12
C ALA A 410 32.04 15.17 4.21
N ALA A 411 32.69 16.27 3.83
CA ALA A 411 33.18 17.22 4.81
C ALA A 411 32.06 18.10 5.35
N LEU A 412 31.12 18.49 4.49
CA LEU A 412 30.02 19.35 4.93
C LEU A 412 29.16 18.66 5.96
N ARG A 413 28.82 17.39 5.73
CA ARG A 413 28.00 16.66 6.69
C ARG A 413 28.77 16.36 7.97
N GLN A 414 30.09 16.46 7.95
CA GLN A 414 30.90 16.17 9.12
C GLN A 414 31.26 17.42 9.91
N THR A 415 31.09 18.60 9.31
CA THR A 415 31.34 19.86 9.99
C THR A 415 30.07 20.54 10.49
N ILE A 416 28.90 19.95 10.26
CA ILE A 416 27.63 20.53 10.68
C ILE A 416 26.74 19.40 11.18
N SER A 417 26.31 19.49 12.43
CA SER A 417 25.32 18.57 12.98
C SER A 417 24.07 19.36 13.31
N VAL A 418 22.93 18.89 12.82
CA VAL A 418 21.67 19.61 12.95
C VAL A 418 20.67 18.73 13.67
N VAL A 419 19.91 19.32 14.59
CA VAL A 419 18.77 18.66 15.22
C VAL A 419 17.51 19.24 14.58
N PRO A 420 16.81 18.48 13.76
CA PRO A 420 15.67 19.02 13.04
C PRO A 420 14.43 19.10 13.93
N GLN A 421 13.48 19.92 13.49
CA GLN A 421 12.20 19.99 14.18
C GLN A 421 11.44 18.67 14.06
N ARG A 422 11.51 18.08 12.86
CA ARG A 422 10.89 16.76 12.57
C ARG A 422 11.97 15.70 12.70
N VAL A 423 12.05 15.05 13.85
CA VAL A 423 13.02 14.00 14.10
C VAL A 423 12.43 12.65 13.73
N HIS A 424 13.20 11.86 12.97
CA HIS A 424 12.71 10.64 12.35
C HIS A 424 13.17 9.42 13.14
N LEU A 425 12.22 8.56 13.47
CA LEU A 425 12.50 7.28 14.11
C LEU A 425 12.54 6.20 13.05
N PHE A 426 13.73 5.75 12.71
CA PHE A 426 13.87 4.59 11.84
C PHE A 426 13.40 3.34 12.56
N SER A 427 12.83 2.43 11.79
CA SER A 427 12.23 1.24 12.38
C SER A 427 13.23 0.31 13.04
N ALA A 428 14.52 0.51 12.83
CA ALA A 428 15.54 -0.40 13.34
C ALA A 428 15.62 -0.29 14.86
N THR A 429 16.57 -1.02 15.45
CA THR A 429 16.74 -1.03 16.89
C THR A 429 17.21 0.33 17.38
N LEU A 430 17.15 0.51 18.71
CA LEU A 430 17.60 1.76 19.31
C LEU A 430 19.08 2.00 19.02
N ARG A 431 19.87 0.92 18.92
CA ARG A 431 21.28 1.08 18.61
C ARG A 431 21.48 1.62 17.20
N ASP A 432 20.64 1.18 16.25
CA ASP A 432 20.79 1.63 14.87
C ASP A 432 20.27 3.05 14.69
N ASN A 433 19.31 3.46 15.52
CA ASN A 433 18.85 4.84 15.50
C ASN A 433 19.88 5.81 16.05
N LEU A 434 20.86 5.31 16.80
CA LEU A 434 21.94 6.16 17.29
C LEU A 434 23.23 5.97 16.52
N LEU A 435 23.52 4.76 16.04
CA LEU A 435 24.70 4.54 15.23
C LEU A 435 24.61 5.28 13.90
N LEU A 436 23.41 5.73 13.55
CA LEU A 436 23.22 6.60 12.40
C LEU A 436 24.12 7.82 12.47
N ALA A 437 24.14 8.48 13.63
CA ALA A 437 24.91 9.72 13.77
C ALA A 437 26.41 9.44 13.69
N SER A 438 26.89 8.48 14.46
CA SER A 438 28.28 8.07 14.43
C SER A 438 28.34 6.59 14.07
N PRO A 439 28.85 6.23 12.89
CA PRO A 439 28.77 4.81 12.48
C PRO A 439 29.60 3.88 13.34
N GLY A 440 30.81 4.28 13.71
CA GLY A 440 31.62 3.47 14.58
C GLY A 440 31.65 4.00 15.99
N SER A 441 30.89 3.38 16.88
CA SER A 441 30.82 3.79 18.26
C SER A 441 30.74 2.56 19.14
N SER A 442 31.44 2.61 20.28
CA SER A 442 31.40 1.50 21.22
C SER A 442 30.00 1.35 21.78
N ASP A 443 29.66 0.12 22.17
CA ASP A 443 28.32 -0.14 22.68
C ASP A 443 28.09 0.58 24.00
N GLU A 444 29.16 0.80 24.77
CA GLU A 444 29.02 1.50 26.05
C GLU A 444 29.08 3.01 25.87
N ALA A 445 29.95 3.50 24.97
CA ALA A 445 29.96 4.92 24.65
C ALA A 445 28.64 5.33 24.03
N LEU A 446 27.96 4.38 23.40
CA LEU A 446 26.63 4.65 22.86
C LEU A 446 25.60 4.75 23.97
N SER A 447 25.74 3.90 25.01
CA SER A 447 24.74 3.85 26.07
C SER A 447 24.86 5.02 27.03
N GLU A 448 26.08 5.50 27.26
CA GLU A 448 26.28 6.62 28.17
C GLU A 448 25.67 7.91 27.60
N ILE A 449 25.56 8.02 26.28
CA ILE A 449 24.85 9.14 25.68
C ILE A 449 23.38 9.10 26.07
N LEU A 450 22.77 7.91 26.04
CA LEU A 450 21.37 7.78 26.43
C LEU A 450 21.15 8.13 27.88
N ARG A 451 22.16 7.91 28.73
CA ARG A 451 22.03 8.28 30.13
C ARG A 451 22.13 9.78 30.32
N ARG A 452 23.08 10.42 29.63
CA ARG A 452 23.39 11.81 29.93
C ARG A 452 22.42 12.76 29.24
N VAL A 453 21.66 12.28 28.25
CA VAL A 453 20.57 13.08 27.69
C VAL A 453 19.24 12.81 28.38
N GLY A 454 19.22 11.92 29.37
CA GLY A 454 18.01 11.69 30.12
C GLY A 454 17.07 10.65 29.55
N LEU A 455 17.56 9.78 28.67
CA LEU A 455 16.74 8.69 28.12
C LEU A 455 17.04 7.39 28.84
N GLU A 456 16.68 7.36 30.13
CA GLU A 456 16.92 6.17 30.93
C GLU A 456 15.93 5.06 30.59
N LYS A 457 14.68 5.45 30.34
CA LYS A 457 13.56 4.52 30.06
C LYS A 457 13.85 3.65 28.82
N LEU A 458 14.75 4.08 27.95
CA LEU A 458 15.06 3.33 26.74
C LEU A 458 16.06 2.22 26.98
N LEU A 459 16.64 2.17 28.19
CA LEU A 459 17.61 1.10 28.53
C LEU A 459 17.06 0.22 29.66
N GLU A 460 15.80 0.43 30.04
CA GLU A 460 15.16 -0.29 31.19
C GLU A 460 15.07 -1.81 30.97
N ASP A 461 14.64 -2.28 29.80
CA ASP A 461 14.49 -3.75 29.63
C ASP A 461 15.10 -4.25 28.31
N ALA A 462 14.52 -3.88 27.16
CA ALA A 462 15.10 -4.35 25.89
C ALA A 462 16.41 -3.59 25.63
N GLY A 463 16.53 -2.40 26.24
CA GLY A 463 17.71 -1.54 26.13
C GLY A 463 18.04 -1.13 24.70
N LEU A 464 19.31 -1.30 24.30
CA LEU A 464 19.81 -0.91 22.95
C LEU A 464 19.15 -1.73 21.85
N ASN A 465 18.74 -2.97 22.15
CA ASN A 465 18.14 -3.89 21.15
C ASN A 465 16.63 -3.65 21.01
N SER A 466 16.06 -2.75 21.83
CA SER A 466 14.61 -2.49 21.74
C SER A 466 14.26 -2.01 20.33
N TRP A 467 13.17 -2.54 19.76
CA TRP A 467 12.75 -2.16 18.38
C TRP A 467 11.93 -0.86 18.43
N LEU A 468 12.37 0.15 17.68
CA LEU A 468 11.70 1.44 17.65
C LEU A 468 10.94 1.58 16.33
N GLY A 469 10.26 2.69 16.18
CA GLY A 469 9.55 2.95 14.93
C GLY A 469 8.23 2.21 14.85
N GLU A 470 7.87 1.83 13.62
CA GLU A 470 6.56 1.23 13.37
C GLU A 470 6.45 -0.15 13.97
N GLY A 471 7.57 -0.85 14.16
CA GLY A 471 7.52 -2.15 14.81
C GLY A 471 7.02 -2.07 16.23
N GLY A 472 7.35 -1.00 16.93
CA GLY A 472 6.89 -0.81 18.29
C GLY A 472 7.70 0.24 19.00
N ARG A 473 7.23 0.60 20.19
CA ARG A 473 7.87 1.59 21.05
C ARG A 473 7.94 2.95 20.35
N GLN A 474 6.76 3.51 20.12
CA GLN A 474 6.66 4.90 19.69
C GLN A 474 7.10 5.82 20.81
N LEU A 475 7.88 6.84 20.46
CA LEU A 475 8.45 7.77 21.42
C LEU A 475 7.62 9.05 21.48
N SER A 476 7.46 9.59 22.68
CA SER A 476 6.71 10.82 22.85
C SER A 476 7.56 12.01 22.42
N GLY A 477 6.89 13.15 22.22
CA GLY A 477 7.57 14.31 21.67
C GLY A 477 8.75 14.78 22.51
N GLY A 478 8.62 14.69 23.83
CA GLY A 478 9.71 15.12 24.70
C GLY A 478 10.92 14.20 24.61
N GLU A 479 10.68 12.88 24.72
CA GLU A 479 11.81 11.95 24.70
C GLU A 479 12.32 11.76 23.29
N LEU A 480 11.50 12.09 22.30
CA LEU A 480 11.92 12.01 20.91
C LEU A 480 12.87 13.16 20.57
N ARG A 481 12.67 14.31 21.21
CA ARG A 481 13.61 15.43 21.07
C ARG A 481 14.96 15.09 21.66
N ARG A 482 14.99 14.37 22.78
CA ARG A 482 16.28 13.97 23.35
C ARG A 482 16.99 12.94 22.48
N LEU A 483 16.25 12.24 21.63
CA LEU A 483 16.90 11.35 20.66
C LEU A 483 17.63 12.15 19.59
N ALA A 484 17.01 13.23 19.12
CA ALA A 484 17.66 14.09 18.13
C ALA A 484 18.93 14.71 18.69
N ILE A 485 18.89 15.16 19.95
CA ILE A 485 20.07 15.75 20.57
C ILE A 485 21.15 14.70 20.79
N ALA A 486 20.77 13.47 21.09
CA ALA A 486 21.75 12.41 21.27
C ALA A 486 22.50 12.13 19.98
N ARG A 487 21.82 12.16 18.84
CA ARG A 487 22.48 11.99 17.56
C ARG A 487 23.47 13.11 17.29
N ALA A 488 23.06 14.36 17.57
CA ALA A 488 23.95 15.48 17.34
C ALA A 488 25.15 15.45 18.27
N LEU A 489 24.97 14.90 19.47
CA LEU A 489 26.11 14.74 20.38
C LEU A 489 27.05 13.65 19.89
N LEU A 490 26.50 12.54 19.39
CA LEU A 490 27.33 11.48 18.83
C LEU A 490 28.06 11.95 17.57
N HIS A 491 27.37 12.74 16.73
CA HIS A 491 27.99 13.22 15.50
C HIS A 491 29.21 14.06 15.80
N ASP A 492 29.13 14.93 16.80
CA ASP A 492 30.27 15.70 17.30
C ASP A 492 30.83 16.65 16.23
N ALA A 493 29.95 17.35 15.54
CA ALA A 493 30.39 18.35 14.60
C ALA A 493 30.72 19.65 15.32
N PRO A 494 31.65 20.44 14.78
CA PRO A 494 31.98 21.73 15.44
C PRO A 494 30.81 22.69 15.53
N LEU A 495 29.93 22.72 14.53
CA LEU A 495 28.80 23.63 14.49
C LEU A 495 27.52 22.83 14.65
N VAL A 496 26.67 23.25 15.57
CA VAL A 496 25.40 22.59 15.85
C VAL A 496 24.27 23.52 15.46
N LEU A 497 23.31 23.01 14.70
CA LEU A 497 22.14 23.81 14.27
C LEU A 497 20.88 23.24 14.92
N LEU A 498 20.25 23.99 15.82
CA LEU A 498 19.01 23.54 16.51
C LEU A 498 17.82 24.32 15.94
N ASP A 499 16.79 23.62 15.46
CA ASP A 499 15.61 24.30 14.87
C ASP A 499 14.39 24.13 15.78
N GLU A 500 14.04 25.18 16.54
CA GLU A 500 12.84 25.12 17.41
C GLU A 500 12.93 23.89 18.33
N PRO A 501 14.04 23.69 19.07
CA PRO A 501 14.21 22.49 19.91
C PRO A 501 13.18 22.35 21.04
N THR A 502 12.81 23.46 21.68
CA THR A 502 11.88 23.43 22.85
C THR A 502 10.42 23.62 22.42
N GLU A 503 10.07 23.42 21.15
CA GLU A 503 8.69 23.59 20.75
C GLU A 503 7.86 22.38 21.12
N GLY A 504 6.62 22.62 21.54
CA GLY A 504 5.71 21.56 21.91
C GLY A 504 6.16 20.76 23.12
N LEU A 505 6.81 21.41 24.08
CA LEU A 505 7.30 20.75 25.28
C LEU A 505 6.73 21.45 26.50
N ASP A 506 6.50 20.67 27.55
CA ASP A 506 6.09 21.25 28.82
C ASP A 506 7.26 22.00 29.47
N ALA A 507 6.93 22.84 30.44
CA ALA A 507 7.96 23.68 31.06
C ALA A 507 9.02 22.83 31.75
N THR A 508 8.65 21.66 32.25
CA THR A 508 9.62 20.78 32.89
C THR A 508 10.62 20.24 31.88
N THR A 509 10.12 19.68 30.77
CA THR A 509 11.02 19.14 29.76
C THR A 509 11.82 20.23 29.06
N GLU A 510 11.17 21.37 28.79
CA GLU A 510 11.85 22.47 28.11
C GLU A 510 13.03 22.96 28.92
N SER A 511 12.91 23.01 30.24
CA SER A 511 14.02 23.45 31.07
C SER A 511 15.16 22.45 31.09
N GLN A 512 14.84 21.16 31.12
CA GLN A 512 15.89 20.15 31.16
C GLN A 512 16.68 20.10 29.86
N ILE A 513 16.00 20.26 28.73
CA ILE A 513 16.68 20.19 27.44
C ILE A 513 17.54 21.42 27.23
N LEU A 514 17.06 22.59 27.64
CA LEU A 514 17.86 23.81 27.51
C LEU A 514 19.12 23.72 28.35
N GLU A 515 19.03 23.18 29.56
CA GLU A 515 20.23 22.99 30.37
C GLU A 515 21.14 21.94 29.74
N LEU A 516 20.55 20.94 29.08
CA LEU A 516 21.34 19.93 28.38
C LEU A 516 22.17 20.55 27.27
N LEU A 517 21.60 21.53 26.56
CA LEU A 517 22.33 22.20 25.48
C LEU A 517 23.58 22.91 26.02
N ALA A 518 23.43 23.62 27.14
CA ALA A 518 24.50 24.47 27.62
C ALA A 518 25.71 23.66 28.08
N GLU A 519 25.47 22.59 28.84
CA GLU A 519 26.60 21.85 29.41
C GLU A 519 27.26 20.94 28.37
N MET A 520 26.47 20.30 27.49
CA MET A 520 27.07 19.42 26.49
C MET A 520 27.70 20.18 25.33
N MET A 521 27.05 21.24 24.85
CA MET A 521 27.49 21.95 23.66
C MET A 521 28.25 23.22 24.00
N ARG A 522 29.04 23.19 25.08
CA ARG A 522 29.73 24.38 25.54
C ARG A 522 30.83 24.80 24.57
N GLU A 523 31.55 23.84 23.99
CA GLU A 523 32.70 24.11 23.14
C GLU A 523 32.34 24.20 21.67
N LYS A 524 31.06 24.14 21.33
CA LYS A 524 30.62 24.16 19.95
C LYS A 524 29.81 25.43 19.69
N THR A 525 29.85 25.89 18.44
CA THR A 525 28.97 26.99 18.04
C THR A 525 27.57 26.44 17.78
N VAL A 526 26.56 26.98 18.45
CA VAL A 526 25.19 26.61 18.18
C VAL A 526 24.48 27.85 17.65
N LEU A 527 23.68 27.65 16.61
CA LEU A 527 22.82 28.69 16.06
C LEU A 527 21.39 28.18 16.25
N MET A 528 20.79 28.58 17.36
CA MET A 528 19.52 28.02 17.79
C MET A 528 18.38 28.95 17.40
N VAL A 529 17.39 28.39 16.70
CA VAL A 529 16.27 29.17 16.17
C VAL A 529 15.01 28.76 16.91
N THR A 530 14.47 29.67 17.71
CA THR A 530 13.21 29.48 18.41
C THR A 530 12.42 30.77 18.45
N HIS A 531 11.13 30.60 18.75
CA HIS A 531 10.24 31.70 19.09
C HIS A 531 9.82 31.64 20.55
N ARG A 532 10.64 31.06 21.42
CA ARG A 532 10.37 30.98 22.85
C ARG A 532 11.49 31.71 23.60
N LEU A 533 11.11 32.45 24.64
CA LEU A 533 12.04 33.31 25.37
C LEU A 533 12.84 32.57 26.44
N ARG A 534 12.56 31.30 26.67
CA ARG A 534 13.17 30.59 27.80
C ARG A 534 14.66 30.34 27.58
N GLY A 535 15.43 30.53 28.65
CA GLY A 535 16.82 30.09 28.67
C GLY A 535 17.74 30.85 27.75
N LEU A 536 17.36 32.05 27.34
CA LEU A 536 18.18 32.84 26.43
C LEU A 536 19.26 33.65 27.13
N SER A 537 19.30 33.62 28.46
CA SER A 537 20.36 34.33 29.18
C SER A 537 21.72 33.66 29.01
N ARG A 538 21.75 32.36 28.69
CA ARG A 538 23.01 31.66 28.52
C ARG A 538 23.69 32.00 27.20
N PHE A 539 22.94 32.51 26.23
CA PHE A 539 23.48 32.70 24.89
C PHE A 539 24.33 33.97 24.82
N GLN A 540 25.49 33.84 24.16
CA GLN A 540 26.40 34.98 24.05
C GLN A 540 25.81 36.10 23.20
N GLN A 541 24.91 35.75 22.29
CA GLN A 541 24.31 36.73 21.40
C GLN A 541 22.88 36.33 21.09
N ILE A 542 21.97 37.29 21.18
CA ILE A 542 20.56 37.08 20.85
C ILE A 542 20.23 37.98 19.68
N ILE A 543 19.63 37.39 18.64
CA ILE A 543 19.27 38.10 17.43
C ILE A 543 17.77 38.02 17.27
N VAL A 544 17.09 39.14 17.49
CA VAL A 544 15.63 39.22 17.35
C VAL A 544 15.33 39.92 16.04
N MET A 545 14.40 39.35 15.27
CA MET A 545 14.10 39.85 13.95
C MET A 545 12.61 39.81 13.69
N ASP A 546 12.12 40.84 13.01
CA ASP A 546 10.73 40.94 12.59
C ASP A 546 10.69 41.20 11.10
N ASN A 547 9.87 40.43 10.39
CA ASN A 547 9.71 40.56 8.94
C ASN A 547 11.03 40.36 8.20
N GLY A 548 11.83 39.41 8.68
CA GLY A 548 13.05 39.05 8.00
C GLY A 548 14.17 40.06 8.08
N GLN A 549 14.11 40.99 9.03
CA GLN A 549 15.16 41.98 9.24
C GLN A 549 15.54 41.98 10.71
N ILE A 550 16.84 42.06 11.00
CA ILE A 550 17.29 42.11 12.38
C ILE A 550 16.82 43.44 12.97
N ILE A 551 15.84 43.39 13.88
CA ILE A 551 15.38 44.61 14.53
C ILE A 551 16.45 45.12 15.49
N GLU A 552 17.03 44.22 16.29
CA GLU A 552 18.20 44.53 17.08
C GLU A 552 18.88 43.22 17.46
N GLN A 553 20.08 43.32 18.01
CA GLN A 553 20.82 42.15 18.43
C GLN A 553 21.78 42.51 19.54
N GLY A 554 22.00 41.57 20.45
CA GLY A 554 22.91 41.78 21.56
C GLY A 554 22.73 40.70 22.60
N THR A 555 23.58 40.75 23.62
CA THR A 555 23.46 39.79 24.71
C THR A 555 22.21 40.09 25.53
N HIS A 556 21.74 39.07 26.26
CA HIS A 556 20.48 39.19 26.98
C HIS A 556 20.50 40.33 27.99
N ALA A 557 21.68 40.64 28.56
CA ALA A 557 21.77 41.73 29.51
C ALA A 557 21.58 43.08 28.83
N GLU A 558 22.47 43.40 27.88
CA GLU A 558 22.39 44.69 27.21
C GLU A 558 21.16 44.82 26.31
N LEU A 559 20.53 43.70 25.96
CA LEU A 559 19.39 43.76 25.07
C LEU A 559 18.14 44.23 25.82
N LEU A 560 18.03 43.89 27.10
CA LEU A 560 16.96 44.44 27.93
C LEU A 560 17.19 45.91 28.26
N ALA A 561 18.45 46.32 28.43
CA ALA A 561 18.74 47.69 28.81
C ALA A 561 18.28 48.67 27.73
N ARG A 562 18.46 48.31 26.46
CA ARG A 562 18.00 49.18 25.38
C ARG A 562 16.49 49.35 25.38
N GLN A 563 15.76 48.44 26.04
CA GLN A 563 14.30 48.49 26.11
C GLN A 563 13.67 48.52 24.72
N GLY A 564 14.22 47.72 23.82
CA GLY A 564 13.73 47.64 22.46
C GLY A 564 12.61 46.63 22.31
N ARG A 565 12.62 45.94 21.16
CA ARG A 565 11.58 44.96 20.88
C ARG A 565 11.68 43.76 21.83
N TYR A 566 12.90 43.39 22.22
CA TYR A 566 13.08 42.26 23.12
C TYR A 566 12.47 42.53 24.48
N TYR A 567 12.62 43.76 24.98
CA TYR A 567 12.07 44.10 26.29
C TYR A 567 10.55 44.02 26.28
N GLN A 568 9.92 44.34 25.14
CA GLN A 568 8.47 44.22 25.03
C GLN A 568 8.04 42.76 25.14
N PHE A 569 8.83 41.84 24.57
CA PHE A 569 8.49 40.43 24.69
C PHE A 569 8.53 39.96 26.14
N LYS A 570 9.54 40.45 26.87
CA LYS A 570 9.72 40.07 28.30
C LYS A 570 8.60 40.69 29.15
N GLN A 571 7.80 41.58 28.57
CA GLN A 571 6.69 42.24 29.30
C GLN A 571 5.41 41.41 29.17
N GLY A 572 5.47 40.32 28.42
CA GLY A 572 4.29 39.43 28.23
C GLY A 572 3.46 39.84 27.04
N LEU A 573 3.89 40.88 26.32
CA LEU A 573 3.16 41.37 25.11
C LEU A 573 2.88 40.18 24.18
N ASN B 2 -3.70 -27.83 10.78
CA ASN B 2 -4.94 -27.66 11.54
C ASN B 2 -4.91 -26.36 12.32
N LYS B 3 -3.91 -26.21 13.18
CA LYS B 3 -3.78 -25.04 14.03
C LYS B 3 -2.86 -23.98 13.47
N SER B 4 -2.36 -24.17 12.26
CA SER B 4 -1.49 -23.16 11.65
C SER B 4 -2.30 -21.91 11.32
N ARG B 5 -1.60 -20.79 11.19
CA ARG B 5 -2.28 -19.50 10.86
C ARG B 5 -2.73 -19.54 9.40
N GLN B 6 -2.04 -20.31 8.56
CA GLN B 6 -2.38 -20.44 7.11
C GLN B 6 -3.76 -21.11 6.96
N LYS B 7 -4.04 -22.15 7.76
CA LYS B 7 -5.32 -22.88 7.69
C LYS B 7 -6.42 -22.06 8.36
N GLU B 8 -6.09 -21.37 9.45
CA GLU B 8 -7.07 -20.52 10.19
C GLU B 8 -7.58 -19.41 9.26
N LEU B 9 -6.68 -18.80 8.48
CA LEU B 9 -7.07 -17.73 7.56
C LEU B 9 -7.78 -18.29 6.33
N THR B 10 -7.44 -19.51 5.95
CA THR B 10 -8.11 -20.15 4.82
C THR B 10 -9.54 -20.54 5.18
N ARG B 11 -9.77 -20.93 6.44
CA ARG B 11 -11.13 -21.19 6.90
C ARG B 11 -11.94 -19.91 6.96
N TRP B 12 -11.32 -18.80 7.34
CA TRP B 12 -12.02 -17.52 7.37
C TRP B 12 -12.45 -17.11 5.97
N LEU B 13 -11.60 -17.34 4.97
CA LEU B 13 -11.93 -16.95 3.61
C LEU B 13 -13.13 -17.74 3.09
N LYS B 14 -13.21 -19.03 3.44
CA LYS B 14 -14.36 -19.83 3.01
C LYS B 14 -15.62 -19.49 3.82
N GLN B 15 -15.47 -18.98 5.03
CA GLN B 15 -16.65 -18.55 5.77
C GLN B 15 -17.31 -17.35 5.13
N GLN B 16 -16.52 -16.50 4.47
CA GLN B 16 -17.07 -15.35 3.76
C GLN B 16 -17.62 -15.72 2.40
N SER B 17 -17.31 -16.92 1.89
CA SER B 17 -17.71 -17.27 0.54
C SER B 17 -19.18 -17.66 0.44
N VAL B 18 -19.85 -17.85 1.57
CA VAL B 18 -21.26 -18.22 1.55
C VAL B 18 -22.17 -17.06 1.13
N ILE B 19 -21.63 -15.85 1.07
CA ILE B 19 -22.40 -14.71 0.56
C ILE B 19 -22.79 -14.95 -0.89
N SER B 20 -21.89 -15.55 -1.66
CA SER B 20 -22.13 -15.82 -3.06
C SER B 20 -22.04 -17.30 -3.34
N GLN B 21 -22.72 -18.11 -2.52
CA GLN B 21 -22.75 -19.55 -2.75
C GLN B 21 -23.57 -19.89 -3.98
N ARG B 22 -24.54 -19.05 -4.33
CA ARG B 22 -25.28 -19.28 -5.57
C ARG B 22 -24.36 -19.19 -6.77
N TRP B 23 -23.46 -18.22 -6.79
CA TRP B 23 -22.54 -18.06 -7.90
C TRP B 23 -21.50 -19.16 -7.93
N LEU B 24 -21.01 -19.58 -6.77
CA LEU B 24 -20.00 -20.62 -6.71
C LEU B 24 -20.57 -21.98 -7.07
N ASN B 25 -21.87 -22.18 -6.83
CA ASN B 25 -22.52 -23.41 -7.27
C ASN B 25 -22.72 -23.43 -8.77
N ILE B 26 -23.12 -22.28 -9.35
CA ILE B 26 -23.24 -22.18 -10.80
C ILE B 26 -21.89 -22.41 -11.46
N SER B 27 -20.84 -21.82 -10.90
CA SER B 27 -19.51 -21.98 -11.45
C SER B 27 -19.04 -23.43 -11.35
N ARG B 28 -19.35 -24.09 -10.25
CA ARG B 28 -18.99 -25.50 -10.09
C ARG B 28 -19.81 -26.38 -11.01
N LEU B 29 -21.07 -26.00 -11.26
CA LEU B 29 -21.89 -26.74 -12.20
C LEU B 29 -21.40 -26.55 -13.63
N LEU B 30 -20.94 -25.34 -13.97
CA LEU B 30 -20.45 -25.09 -15.32
C LEU B 30 -19.08 -25.73 -15.53
N GLY B 31 -18.32 -25.92 -14.47
CA GLY B 31 -17.07 -26.66 -14.59
C GLY B 31 -17.29 -28.12 -14.87
N PHE B 32 -18.40 -28.68 -14.39
CA PHE B 32 -18.77 -30.05 -14.73
C PHE B 32 -19.19 -30.16 -16.19
N VAL B 33 -19.77 -29.09 -16.74
CA VAL B 33 -20.09 -29.06 -18.16
C VAL B 33 -18.81 -28.92 -18.99
N SER B 34 -17.81 -28.20 -18.47
CA SER B 34 -16.51 -28.14 -19.13
C SER B 34 -15.91 -29.54 -19.28
N GLY B 35 -15.99 -30.35 -18.23
CA GLY B 35 -15.43 -31.68 -18.30
C GLY B 35 -16.09 -32.55 -19.35
N ILE B 36 -17.41 -32.44 -19.48
CA ILE B 36 -18.13 -33.25 -20.46
C ILE B 36 -17.78 -32.81 -21.88
N LEU B 37 -17.66 -31.50 -22.09
CA LEU B 37 -17.31 -31.01 -23.43
C LEU B 37 -15.87 -31.34 -23.79
N ILE B 38 -14.98 -31.39 -22.80
CA ILE B 38 -13.61 -31.80 -23.06
C ILE B 38 -13.57 -33.24 -23.52
N ILE B 39 -14.39 -34.10 -22.91
CA ILE B 39 -14.43 -35.50 -23.28
C ILE B 39 -15.07 -35.67 -24.66
N ALA B 40 -16.14 -34.94 -24.94
CA ALA B 40 -16.75 -34.99 -26.25
C ALA B 40 -15.78 -34.50 -27.32
N GLN B 41 -15.02 -33.45 -27.02
CA GLN B 41 -13.91 -33.05 -27.88
C GLN B 41 -12.97 -34.20 -28.18
N ALA B 42 -12.49 -34.87 -27.14
CA ALA B 42 -11.48 -35.91 -27.34
C ALA B 42 -12.06 -37.10 -28.06
N TRP B 43 -13.35 -37.37 -27.87
CA TRP B 43 -13.97 -38.51 -28.53
C TRP B 43 -14.13 -38.27 -30.02
N PHE B 44 -14.45 -37.04 -30.42
CA PHE B 44 -14.61 -36.75 -31.84
C PHE B 44 -13.26 -36.70 -32.55
N MET B 45 -12.26 -36.08 -31.95
CA MET B 45 -10.93 -36.07 -32.55
C MET B 45 -10.38 -37.48 -32.68
N ALA B 46 -10.60 -38.32 -31.67
CA ALA B 46 -10.10 -39.69 -31.73
C ALA B 46 -10.79 -40.48 -32.84
N ARG B 47 -12.07 -40.19 -33.09
CA ARG B 47 -12.78 -40.90 -34.15
C ARG B 47 -12.36 -40.41 -35.53
N ILE B 48 -12.20 -39.09 -35.69
CA ILE B 48 -11.73 -38.56 -36.98
C ILE B 48 -10.33 -39.08 -37.27
N LEU B 49 -9.46 -39.07 -36.26
CA LEU B 49 -8.08 -39.50 -36.47
C LEU B 49 -8.02 -40.97 -36.87
N GLN B 50 -8.82 -41.81 -36.23
CA GLN B 50 -8.81 -43.23 -36.57
C GLN B 50 -9.30 -43.48 -37.99
N HIS B 51 -10.32 -42.73 -38.43
CA HIS B 51 -10.83 -42.91 -39.78
C HIS B 51 -9.79 -42.55 -40.82
N MET B 52 -9.10 -41.43 -40.62
CA MET B 52 -8.13 -40.99 -41.62
C MET B 52 -6.85 -41.82 -41.56
N ILE B 53 -6.40 -42.17 -40.36
CA ILE B 53 -5.11 -42.86 -40.23
C ILE B 53 -5.26 -44.35 -40.51
N MET B 54 -6.29 -44.97 -39.97
CA MET B 54 -6.44 -46.42 -40.11
C MET B 54 -7.31 -46.79 -41.30
N GLU B 55 -8.54 -46.29 -41.35
CA GLU B 55 -9.47 -46.65 -42.41
C GLU B 55 -9.30 -45.81 -43.67
N ASN B 56 -8.43 -44.81 -43.65
CA ASN B 56 -8.08 -44.03 -44.83
C ASN B 56 -9.30 -43.34 -45.45
N ILE B 57 -10.27 -42.99 -44.63
CA ILE B 57 -11.46 -42.30 -45.16
C ILE B 57 -11.08 -40.87 -45.52
N PRO B 58 -11.42 -40.39 -46.72
CA PRO B 58 -11.06 -39.02 -47.09
C PRO B 58 -11.78 -38.00 -46.22
N ARG B 59 -11.13 -36.85 -46.07
CA ARG B 59 -11.68 -35.79 -45.22
C ARG B 59 -13.02 -35.28 -45.73
N GLU B 60 -13.31 -35.46 -47.02
CA GLU B 60 -14.58 -35.00 -47.55
C GLU B 60 -15.73 -35.91 -47.16
N ALA B 61 -15.45 -37.08 -46.60
CA ALA B 61 -16.48 -37.98 -46.14
C ALA B 61 -16.73 -37.88 -44.65
N LEU B 62 -16.08 -36.95 -43.96
CA LEU B 62 -16.15 -36.84 -42.51
C LEU B 62 -16.72 -35.50 -42.05
N LEU B 63 -17.64 -34.93 -42.83
CA LEU B 63 -18.18 -33.61 -42.47
C LEU B 63 -19.00 -33.68 -41.19
N LEU B 64 -19.69 -34.79 -40.95
CA LEU B 64 -20.47 -34.90 -39.71
C LEU B 64 -19.58 -34.90 -38.46
N PRO B 65 -18.51 -35.70 -38.38
CA PRO B 65 -17.63 -35.58 -37.19
C PRO B 65 -16.93 -34.23 -37.08
N PHE B 66 -16.47 -33.65 -38.19
CA PHE B 66 -15.88 -32.30 -38.11
C PHE B 66 -16.90 -31.27 -37.64
N THR B 67 -18.13 -31.37 -38.13
CA THR B 67 -19.14 -30.41 -37.69
C THR B 67 -19.40 -30.54 -36.20
N LEU B 68 -19.58 -31.76 -35.72
CA LEU B 68 -19.81 -31.95 -34.29
C LEU B 68 -18.60 -31.53 -33.47
N LEU B 69 -17.40 -31.69 -34.03
CA LEU B 69 -16.20 -31.23 -33.34
C LEU B 69 -16.15 -29.72 -33.25
N VAL B 70 -16.68 -29.02 -34.26
CA VAL B 70 -16.68 -27.56 -34.21
C VAL B 70 -17.67 -27.05 -33.17
N LEU B 71 -18.85 -27.67 -33.09
CA LEU B 71 -19.83 -27.25 -32.08
C LEU B 71 -19.31 -27.46 -30.67
N THR B 72 -18.70 -28.61 -30.40
CA THR B 72 -18.18 -28.84 -29.05
C THR B 72 -17.02 -27.90 -28.72
N PHE B 73 -16.32 -27.40 -29.74
CA PHE B 73 -15.32 -26.37 -29.51
C PHE B 73 -15.98 -25.03 -29.23
N VAL B 74 -17.07 -24.73 -29.94
CA VAL B 74 -17.77 -23.47 -29.73
C VAL B 74 -18.48 -23.47 -28.38
N LEU B 75 -19.05 -24.61 -28.00
CA LEU B 75 -19.67 -24.73 -26.69
C LEU B 75 -18.64 -24.58 -25.57
N ARG B 76 -17.46 -25.15 -25.75
CA ARG B 76 -16.41 -25.02 -24.74
C ARG B 76 -16.02 -23.56 -24.53
N ALA B 77 -15.88 -22.81 -25.62
CA ALA B 77 -15.53 -21.40 -25.49
C ALA B 77 -16.66 -20.62 -24.83
N TRP B 78 -17.89 -21.08 -25.03
CA TRP B 78 -19.04 -20.43 -24.40
C TRP B 78 -19.06 -20.67 -22.89
N VAL B 79 -18.72 -21.88 -22.47
CA VAL B 79 -18.69 -22.19 -21.04
C VAL B 79 -17.50 -21.50 -20.37
N VAL B 80 -16.37 -21.41 -21.05
CA VAL B 80 -15.23 -20.66 -20.52
C VAL B 80 -15.59 -19.20 -20.37
N TRP B 81 -16.38 -18.68 -21.30
CA TRP B 81 -16.85 -17.28 -21.21
C TRP B 81 -17.80 -17.14 -20.01
N LEU B 82 -18.75 -18.06 -19.87
CA LEU B 82 -19.76 -18.04 -18.78
C LEU B 82 -19.10 -18.21 -17.41
N ARG B 83 -18.17 -19.15 -17.26
CA ARG B 83 -17.52 -19.42 -15.96
C ARG B 83 -16.71 -18.20 -15.51
N GLU B 84 -16.04 -17.53 -16.46
CA GLU B 84 -15.23 -16.33 -16.15
C GLU B 84 -16.12 -15.22 -15.62
N ARG B 85 -17.31 -15.06 -16.22
CA ARG B 85 -18.29 -14.00 -15.82
C ARG B 85 -18.92 -14.37 -14.49
N VAL B 86 -19.31 -15.64 -14.31
CA VAL B 86 -19.92 -16.13 -13.04
C VAL B 86 -18.87 -15.99 -11.93
N GLY B 87 -17.62 -16.31 -12.24
CA GLY B 87 -16.50 -16.20 -11.27
C GLY B 87 -16.37 -14.78 -10.75
N TYR B 88 -16.52 -13.78 -11.62
CA TYR B 88 -16.42 -12.39 -11.18
C TYR B 88 -17.54 -12.06 -10.21
N HIS B 89 -18.76 -12.51 -10.50
CA HIS B 89 -19.89 -12.22 -9.63
C HIS B 89 -19.69 -12.78 -8.24
N ALA B 90 -19.10 -13.97 -8.13
CA ALA B 90 -18.80 -14.53 -6.83
C ALA B 90 -17.85 -13.65 -6.05
N GLY B 91 -16.79 -13.16 -6.70
CA GLY B 91 -15.86 -12.28 -6.02
C GLY B 91 -16.45 -10.94 -5.67
N GLN B 92 -17.30 -10.39 -6.56
CA GLN B 92 -17.82 -9.05 -6.34
C GLN B 92 -18.78 -8.99 -5.17
N HIS B 93 -19.69 -9.96 -5.06
CA HIS B 93 -20.69 -9.91 -4.00
C HIS B 93 -20.12 -10.28 -2.64
N ILE B 94 -18.95 -10.90 -2.59
CA ILE B 94 -18.24 -11.10 -1.33
C ILE B 94 -17.50 -9.83 -0.93
N ARG B 95 -16.85 -9.16 -1.87
CA ARG B 95 -16.13 -7.94 -1.55
C ARG B 95 -17.09 -6.83 -1.17
N PHE B 96 -18.24 -6.77 -1.83
CA PHE B 96 -19.25 -5.78 -1.49
C PHE B 96 -19.77 -6.00 -0.07
N ALA B 97 -19.93 -7.25 0.33
CA ALA B 97 -20.45 -7.54 1.66
C ALA B 97 -19.40 -7.34 2.74
N ILE B 98 -18.13 -7.66 2.45
CA ILE B 98 -17.07 -7.46 3.43
C ILE B 98 -16.81 -5.98 3.63
N ARG B 99 -16.84 -5.21 2.55
CA ARG B 99 -16.63 -3.77 2.66
C ARG B 99 -17.74 -3.12 3.48
N ARG B 100 -18.97 -3.60 3.33
CA ARG B 100 -20.07 -3.09 4.13
C ARG B 100 -19.88 -3.41 5.60
N GLN B 101 -19.39 -4.61 5.92
CA GLN B 101 -19.12 -4.96 7.30
C GLN B 101 -17.98 -4.14 7.88
N VAL B 102 -16.95 -3.89 7.08
CA VAL B 102 -15.80 -3.13 7.56
C VAL B 102 -16.19 -1.69 7.83
N LEU B 103 -16.99 -1.10 6.94
CA LEU B 103 -17.41 0.28 7.13
C LEU B 103 -18.47 0.40 8.22
N ASP B 104 -19.28 -0.64 8.41
CA ASP B 104 -20.21 -0.67 9.52
C ASP B 104 -19.47 -0.71 10.85
N ARG B 105 -18.46 -1.56 10.94
CA ARG B 105 -17.68 -1.66 12.17
C ARG B 105 -16.86 -0.42 12.43
N LEU B 106 -16.62 0.37 11.41
CA LEU B 106 -15.74 1.53 11.52
C LEU B 106 -16.51 2.81 11.76
N GLN B 107 -17.73 2.89 11.23
CA GLN B 107 -18.64 3.96 11.60
C GLN B 107 -19.12 3.80 13.04
N GLN B 108 -19.41 2.57 13.43
CA GLN B 108 -19.99 2.29 14.73
C GLN B 108 -18.95 2.38 15.84
N ALA B 109 -17.67 2.12 15.52
CA ALA B 109 -16.60 2.38 16.48
C ALA B 109 -16.39 3.86 16.70
N GLY B 110 -16.68 4.70 15.71
CA GLY B 110 -16.70 6.12 15.90
C GLY B 110 -15.37 6.78 15.64
N PRO B 111 -15.36 8.11 15.68
CA PRO B 111 -14.11 8.85 15.45
C PRO B 111 -13.05 8.61 16.49
N ALA B 112 -13.40 8.12 17.68
CA ALA B 112 -12.40 7.86 18.70
C ALA B 112 -11.42 6.78 18.24
N TRP B 113 -11.94 5.74 17.59
CA TRP B 113 -11.09 4.66 17.10
C TRP B 113 -10.52 4.98 15.72
N ILE B 114 -11.24 5.74 14.91
CA ILE B 114 -10.79 6.02 13.55
C ILE B 114 -9.50 6.83 13.57
N GLN B 115 -9.41 7.82 14.45
CA GLN B 115 -8.21 8.66 14.49
C GLN B 115 -7.02 7.97 15.13
N GLY B 116 -7.18 6.76 15.66
CA GLY B 116 -6.04 6.01 16.14
C GLY B 116 -5.08 5.60 15.05
N LYS B 117 -5.49 5.68 13.80
CA LYS B 117 -4.69 5.32 12.63
C LYS B 117 -4.81 6.39 11.57
N PRO B 118 -3.79 6.57 10.74
CA PRO B 118 -3.91 7.50 9.61
C PRO B 118 -4.98 7.01 8.63
N ALA B 119 -5.63 7.97 7.97
CA ALA B 119 -6.74 7.62 7.09
C ALA B 119 -6.26 6.90 5.83
N GLY B 120 -4.96 6.94 5.53
CA GLY B 120 -4.44 6.18 4.42
C GLY B 120 -4.27 4.72 4.74
N SER B 121 -4.17 4.38 6.03
CA SER B 121 -4.07 2.99 6.43
C SER B 121 -5.44 2.34 6.54
N TRP B 122 -6.49 3.14 6.71
CA TRP B 122 -7.85 2.62 6.61
C TRP B 122 -8.24 2.43 5.15
N ALA B 123 -7.68 3.25 4.26
CA ALA B 123 -7.93 3.08 2.84
C ALA B 123 -7.23 1.84 2.30
N THR B 124 -6.10 1.46 2.88
CA THR B 124 -5.46 0.21 2.51
C THR B 124 -6.33 -0.98 2.89
N LEU B 125 -6.90 -0.95 4.10
CA LEU B 125 -7.76 -2.04 4.52
C LEU B 125 -9.01 -2.13 3.66
N VAL B 126 -9.63 -0.99 3.36
CA VAL B 126 -10.93 -1.00 2.73
C VAL B 126 -10.82 -1.15 1.22
N LEU B 127 -9.82 -0.50 0.60
CA LEU B 127 -9.70 -0.64 -0.85
C LEU B 127 -8.77 -1.78 -1.24
N GLU B 128 -7.50 -1.71 -0.84
CA GLU B 128 -6.50 -2.61 -1.41
C GLU B 128 -6.69 -4.04 -0.93
N GLN B 129 -6.88 -4.22 0.38
CA GLN B 129 -6.88 -5.57 0.93
C GLN B 129 -8.20 -6.28 0.72
N ILE B 130 -9.32 -5.57 0.72
CA ILE B 130 -10.57 -6.21 0.35
C ILE B 130 -10.53 -6.60 -1.12
N ASP B 131 -9.91 -5.77 -1.95
CA ASP B 131 -9.79 -6.09 -3.37
C ASP B 131 -8.73 -7.15 -3.64
N ASP B 132 -7.80 -7.37 -2.71
CA ASP B 132 -6.84 -8.45 -2.87
C ASP B 132 -7.49 -9.82 -2.69
N MET B 133 -8.72 -9.87 -2.20
CA MET B 133 -9.39 -11.15 -2.02
C MET B 133 -10.20 -11.57 -3.23
N HIS B 134 -10.26 -10.75 -4.28
CA HIS B 134 -11.19 -11.05 -5.36
C HIS B 134 -10.78 -12.30 -6.12
N ASP B 135 -9.53 -12.40 -6.53
CA ASP B 135 -9.10 -13.48 -7.41
C ASP B 135 -9.17 -14.83 -6.71
N TYR B 136 -9.09 -14.85 -5.39
CA TYR B 136 -9.28 -16.09 -4.66
C TYR B 136 -10.69 -16.61 -4.83
N TYR B 137 -11.67 -15.73 -4.82
CA TYR B 137 -13.06 -16.15 -4.99
C TYR B 137 -13.43 -16.27 -6.45
N ALA B 138 -12.87 -15.40 -7.30
CA ALA B 138 -13.21 -15.41 -8.71
C ALA B 138 -12.52 -16.53 -9.46
N ARG B 139 -11.27 -16.84 -9.11
CA ARG B 139 -10.48 -17.77 -9.89
C ARG B 139 -10.00 -18.97 -9.09
N TYR B 140 -9.50 -18.77 -7.88
CA TYR B 140 -8.89 -19.89 -7.15
C TYR B 140 -9.94 -20.89 -6.68
N LEU B 141 -10.95 -20.43 -5.95
CA LEU B 141 -11.97 -21.35 -5.46
C LEU B 141 -12.71 -22.07 -6.58
N PRO B 142 -13.11 -21.43 -7.68
CA PRO B 142 -13.64 -22.21 -8.80
C PRO B 142 -12.66 -23.22 -9.38
N GLN B 143 -11.36 -22.91 -9.37
CA GLN B 143 -10.38 -23.85 -9.92
C GLN B 143 -10.18 -25.04 -9.00
N MET B 144 -10.34 -24.85 -7.70
CA MET B 144 -10.30 -25.98 -6.77
C MET B 144 -11.45 -26.94 -7.03
N ALA B 145 -12.65 -26.41 -7.29
CA ALA B 145 -13.78 -27.26 -7.62
C ALA B 145 -13.55 -27.97 -8.94
N LEU B 146 -12.97 -27.28 -9.92
CA LEU B 146 -12.72 -27.87 -11.23
C LEU B 146 -11.63 -28.93 -11.17
N ALA B 147 -10.72 -28.85 -10.21
CA ALA B 147 -9.62 -29.78 -10.10
C ALA B 147 -10.02 -31.13 -9.53
N VAL B 148 -11.22 -31.25 -8.95
CA VAL B 148 -11.72 -32.53 -8.47
C VAL B 148 -12.94 -33.02 -9.22
N SER B 149 -13.45 -32.25 -10.18
CA SER B 149 -14.59 -32.68 -10.98
C SER B 149 -14.18 -33.12 -12.38
N VAL B 150 -13.35 -32.33 -13.04
CA VAL B 150 -12.87 -32.73 -14.37
C VAL B 150 -12.03 -34.00 -14.34
N PRO B 151 -11.03 -34.14 -13.46
CA PRO B 151 -10.23 -35.37 -13.50
C PRO B 151 -11.02 -36.64 -13.23
N LEU B 152 -11.94 -36.64 -12.26
CA LEU B 152 -12.76 -37.82 -12.02
C LEU B 152 -13.69 -38.08 -13.20
N LEU B 153 -14.15 -37.03 -13.85
CA LEU B 153 -15.02 -37.20 -15.00
C LEU B 153 -14.24 -37.71 -16.21
N ILE B 154 -12.95 -37.38 -16.30
CA ILE B 154 -12.08 -37.99 -17.31
C ILE B 154 -11.97 -39.50 -17.07
N VAL B 155 -11.73 -39.88 -15.81
CA VAL B 155 -11.53 -41.30 -15.49
C VAL B 155 -12.79 -42.10 -15.76
N VAL B 156 -13.95 -41.55 -15.42
CA VAL B 156 -15.21 -42.22 -15.69
C VAL B 156 -15.41 -42.40 -17.19
N ALA B 157 -14.91 -41.46 -17.99
CA ALA B 157 -15.07 -41.58 -19.43
C ALA B 157 -14.09 -42.59 -20.04
N ILE B 158 -12.87 -42.68 -19.49
CA ILE B 158 -11.88 -43.56 -20.06
C ILE B 158 -12.10 -45.01 -19.61
N PHE B 159 -12.59 -45.19 -18.39
CA PHE B 159 -12.71 -46.52 -17.79
C PHE B 159 -13.50 -47.53 -18.62
N PRO B 160 -14.67 -47.21 -19.19
CA PRO B 160 -15.33 -48.19 -20.04
C PRO B 160 -14.53 -48.58 -21.27
N SER B 161 -13.77 -47.66 -21.83
CA SER B 161 -13.01 -47.96 -23.05
C SER B 161 -11.81 -48.83 -22.75
N ASN B 162 -11.09 -48.54 -21.68
CA ASN B 162 -9.87 -49.26 -21.36
C ASN B 162 -9.55 -49.01 -19.89
N TRP B 163 -9.59 -50.04 -19.06
CA TRP B 163 -9.35 -49.87 -17.64
C TRP B 163 -7.88 -49.71 -17.30
N ALA B 164 -6.98 -50.19 -18.15
CA ALA B 164 -5.56 -49.99 -17.90
C ALA B 164 -5.19 -48.51 -18.06
N ALA B 165 -5.74 -47.85 -19.08
CA ALA B 165 -5.51 -46.43 -19.25
C ALA B 165 -6.10 -45.62 -18.12
N ALA B 166 -7.28 -46.01 -17.64
CA ALA B 166 -7.89 -45.32 -16.52
C ALA B 166 -7.09 -45.51 -15.24
N LEU B 167 -6.38 -46.63 -15.14
CA LEU B 167 -5.58 -46.91 -13.94
C LEU B 167 -4.32 -46.05 -13.91
N ILE B 168 -3.76 -45.76 -15.09
CA ILE B 168 -2.57 -44.92 -15.16
C ILE B 168 -2.87 -43.53 -14.62
N LEU B 169 -4.02 -42.97 -15.00
CA LEU B 169 -4.41 -41.66 -14.50
C LEU B 169 -4.82 -41.72 -13.03
N LEU B 170 -5.63 -42.70 -12.67
CA LEU B 170 -6.08 -42.82 -11.29
C LEU B 170 -4.95 -43.21 -10.35
N GLY B 171 -3.93 -43.90 -10.85
CA GLY B 171 -2.82 -44.30 -9.99
C GLY B 171 -2.04 -43.12 -9.46
N THR B 172 -1.87 -42.08 -10.28
CA THR B 172 -1.15 -40.89 -9.86
C THR B 172 -1.99 -39.99 -8.96
N ALA B 173 -3.29 -40.19 -8.89
CA ALA B 173 -4.15 -39.29 -8.11
C ALA B 173 -3.82 -39.29 -6.63
N PRO B 174 -3.68 -40.43 -5.93
CA PRO B 174 -3.41 -40.35 -4.49
C PRO B 174 -2.02 -39.82 -4.15
N LEU B 175 -1.09 -39.77 -5.11
CA LEU B 175 0.27 -39.38 -4.78
C LEU B 175 0.39 -37.89 -4.54
N ILE B 176 -0.36 -37.08 -5.29
CA ILE B 176 -0.28 -35.63 -5.14
C ILE B 176 -0.74 -35.19 -3.75
N PRO B 177 -1.91 -35.60 -3.25
CA PRO B 177 -2.22 -35.32 -1.83
C PRO B 177 -1.24 -35.95 -0.85
N LEU B 178 -0.66 -37.10 -1.20
CA LEU B 178 0.34 -37.71 -0.34
C LEU B 178 1.54 -36.80 -0.18
N PHE B 179 1.85 -36.03 -1.24
CA PHE B 179 2.97 -35.06 -1.19
C PHE B 179 2.58 -33.91 -0.26
N MET B 180 1.31 -33.53 -0.28
CA MET B 180 0.82 -32.43 0.56
C MET B 180 1.05 -32.70 2.03
N ALA B 181 0.86 -33.95 2.47
CA ALA B 181 1.17 -34.31 3.84
C ALA B 181 2.67 -34.19 4.12
N LEU B 182 3.51 -34.66 3.20
CA LEU B 182 4.95 -34.62 3.40
C LEU B 182 5.48 -33.19 3.33
N VAL B 183 5.33 -32.55 2.18
CA VAL B 183 5.78 -31.19 1.94
C VAL B 183 4.64 -30.42 1.30
N GLY B 184 4.61 -29.12 1.54
CA GLY B 184 3.58 -28.28 0.96
C GLY B 184 2.45 -27.92 1.90
N MET B 185 2.26 -28.67 2.98
CA MET B 185 1.46 -28.21 4.09
C MET B 185 2.26 -27.32 5.03
N GLY B 186 3.50 -27.72 5.32
CA GLY B 186 4.37 -26.84 6.08
C GLY B 186 5.03 -25.79 5.22
N ALA B 187 5.18 -26.07 3.92
CA ALA B 187 5.75 -25.08 3.01
C ALA B 187 4.77 -23.97 2.71
N ALA B 188 3.47 -24.28 2.70
CA ALA B 188 2.46 -23.26 2.45
C ALA B 188 2.44 -22.21 3.55
N ASP B 189 2.57 -22.64 4.81
CA ASP B 189 2.61 -21.69 5.91
C ASP B 189 3.95 -20.98 5.97
N ALA B 190 5.03 -21.67 5.58
CA ALA B 190 6.33 -21.01 5.49
C ALA B 190 6.33 -19.94 4.41
N ASN B 191 5.61 -20.17 3.32
CA ASN B 191 5.47 -19.17 2.28
C ASN B 191 4.63 -17.99 2.76
N ARG B 192 3.62 -18.26 3.58
CA ARG B 192 2.81 -17.17 4.14
C ARG B 192 3.67 -16.23 4.97
N ARG B 193 4.73 -16.75 5.58
CA ARG B 193 5.65 -15.92 6.34
C ARG B 193 6.65 -15.21 5.44
N ASN B 194 6.88 -15.77 4.25
CA ASN B 194 7.80 -15.16 3.25
C ASN B 194 7.10 -13.93 2.65
N PHE B 195 5.78 -14.02 2.47
CA PHE B 195 5.00 -12.89 1.97
C PHE B 195 4.87 -11.80 3.03
N LEU B 196 4.84 -12.20 4.30
CA LEU B 196 4.91 -11.23 5.38
C LEU B 196 6.28 -10.57 5.45
N ALA B 197 7.34 -11.36 5.25
CA ALA B 197 8.69 -10.82 5.25
C ALA B 197 8.93 -9.92 4.05
N LEU B 198 8.25 -10.20 2.94
CA LEU B 198 8.35 -9.36 1.76
C LEU B 198 7.66 -8.03 1.98
N ALA B 199 6.49 -8.05 2.62
CA ALA B 199 5.79 -6.81 2.95
C ALA B 199 6.56 -6.02 3.99
N ARG B 200 7.21 -6.71 4.92
CA ARG B 200 8.03 -6.05 5.92
C ARG B 200 9.29 -5.46 5.29
N LEU B 201 9.83 -6.13 4.28
CA LEU B 201 10.97 -5.59 3.54
C LEU B 201 10.55 -4.39 2.72
N SER B 202 9.31 -4.35 2.27
CA SER B 202 8.80 -3.18 1.58
C SER B 202 8.63 -2.00 2.53
N GLY B 203 8.26 -2.27 3.78
CA GLY B 203 8.20 -1.21 4.77
C GLY B 203 9.56 -0.79 5.26
N HIS B 204 10.56 -1.66 5.14
CA HIS B 204 11.94 -1.27 5.39
C HIS B 204 12.41 -0.26 4.36
N PHE B 205 12.03 -0.45 3.10
CA PHE B 205 12.42 0.48 2.05
C PHE B 205 11.65 1.78 2.15
N LEU B 206 10.36 1.70 2.50
CA LEU B 206 9.57 2.90 2.66
C LEU B 206 10.07 3.72 3.85
N ASP B 207 10.60 3.04 4.86
CA ASP B 207 11.17 3.73 6.01
C ASP B 207 12.41 4.52 5.61
N ARG B 208 13.23 3.98 4.72
CA ARG B 208 14.42 4.69 4.28
C ARG B 208 14.06 5.86 3.38
N LEU B 209 12.97 5.74 2.63
CA LEU B 209 12.53 6.86 1.79
C LEU B 209 11.97 7.99 2.63
N ARG B 210 11.17 7.66 3.65
CA ARG B 210 10.61 8.68 4.50
C ARG B 210 11.67 9.36 5.36
N GLY B 211 12.79 8.72 5.58
CA GLY B 211 13.84 9.31 6.38
C GLY B 211 15.04 9.76 5.59
N MET B 212 14.88 10.07 4.31
CA MET B 212 16.03 10.54 3.53
C MET B 212 16.51 11.90 4.00
N GLU B 213 15.61 12.71 4.56
CA GLU B 213 16.03 14.00 5.07
C GLU B 213 17.00 13.84 6.23
N THR B 214 16.73 12.88 7.13
CA THR B 214 17.66 12.59 8.21
C THR B 214 18.92 11.91 7.70
N LEU B 215 18.77 11.00 6.74
CA LEU B 215 19.94 10.34 6.18
C LEU B 215 20.83 11.32 5.45
N ARG B 216 20.25 12.37 4.86
CA ARG B 216 21.04 13.35 4.13
C ARG B 216 21.90 14.18 5.08
N ILE B 217 21.29 14.72 6.14
CA ILE B 217 22.02 15.66 7.01
C ILE B 217 23.15 14.96 7.74
N PHE B 218 23.03 13.65 7.96
CA PHE B 218 24.09 12.90 8.63
C PHE B 218 25.05 12.26 7.65
N GLY B 219 24.84 12.44 6.35
CA GLY B 219 25.71 11.83 5.36
C GLY B 219 25.69 10.31 5.38
N ARG B 220 24.53 9.72 5.65
CA ARG B 220 24.41 8.28 5.76
C ARG B 220 23.78 7.65 4.54
N GLY B 221 23.68 8.39 3.43
CA GLY B 221 23.02 7.85 2.26
C GLY B 221 23.77 6.67 1.65
N GLU B 222 25.09 6.78 1.56
CA GLU B 222 25.88 5.71 0.98
C GLU B 222 25.90 4.47 1.86
N ALA B 223 25.91 4.67 3.18
CA ALA B 223 25.88 3.53 4.09
C ALA B 223 24.47 2.99 4.28
N GLU B 224 23.46 3.66 3.73
CA GLU B 224 22.11 3.14 3.76
C GLU B 224 21.74 2.39 2.49
N ILE B 225 22.57 2.50 1.44
CA ILE B 225 22.44 1.60 0.30
C ILE B 225 22.87 0.20 0.69
N GLU B 226 23.88 0.09 1.54
CA GLU B 226 24.35 -1.22 2.00
C GLU B 226 23.32 -1.88 2.90
N SER B 227 22.55 -1.08 3.65
CA SER B 227 21.48 -1.64 4.45
C SER B 227 20.33 -2.14 3.57
N ILE B 228 20.07 -1.43 2.47
CA ILE B 228 19.05 -1.89 1.52
C ILE B 228 19.53 -3.16 0.83
N ARG B 229 20.81 -3.22 0.50
CA ARG B 229 21.36 -4.41 -0.15
C ARG B 229 21.42 -5.58 0.81
N SER B 230 21.83 -5.35 2.06
CA SER B 230 21.90 -6.43 3.03
C SER B 230 20.52 -6.97 3.37
N ALA B 231 19.55 -6.08 3.57
CA ALA B 231 18.20 -6.53 3.88
C ALA B 231 17.59 -7.31 2.73
N SER B 232 17.79 -6.82 1.50
CA SER B 232 17.26 -7.52 0.34
C SER B 232 17.96 -8.85 0.14
N GLU B 233 19.27 -8.89 0.33
CA GLU B 233 20.02 -10.14 0.24
C GLU B 233 19.58 -11.12 1.30
N ASP B 234 19.35 -10.64 2.52
CA ASP B 234 18.89 -11.52 3.59
C ASP B 234 17.50 -12.06 3.30
N PHE B 235 16.62 -11.23 2.74
CA PHE B 235 15.29 -11.72 2.36
C PHE B 235 15.39 -12.79 1.29
N ARG B 236 16.25 -12.58 0.29
CA ARG B 236 16.30 -13.49 -0.84
C ARG B 236 16.82 -14.85 -0.43
N GLN B 237 17.87 -14.89 0.38
CA GLN B 237 18.42 -16.18 0.81
C GLN B 237 17.43 -16.93 1.69
N ARG B 238 16.72 -16.18 2.55
CA ARG B 238 15.72 -16.78 3.47
C ARG B 238 14.57 -17.35 2.64
N THR B 239 14.07 -16.56 1.68
CA THR B 239 12.95 -16.97 0.84
C THR B 239 13.33 -18.14 -0.06
N MET B 240 14.54 -18.12 -0.59
CA MET B 240 14.93 -19.11 -1.58
C MET B 240 15.12 -20.49 -0.96
N GLU B 241 15.45 -20.55 0.34
CA GLU B 241 15.48 -21.81 1.05
C GLU B 241 14.10 -22.45 1.11
N VAL B 242 13.08 -21.65 1.37
CA VAL B 242 11.72 -22.16 1.42
C VAL B 242 11.25 -22.57 0.03
N LEU B 243 11.61 -21.80 -0.98
CA LEU B 243 11.11 -22.05 -2.33
C LEU B 243 11.75 -23.28 -2.94
N ARG B 244 12.95 -23.66 -2.48
CA ARG B 244 13.55 -24.90 -2.94
C ARG B 244 12.71 -26.10 -2.55
N LEU B 245 11.90 -25.99 -1.50
CA LEU B 245 10.94 -26.99 -1.11
C LEU B 245 9.56 -26.74 -1.69
N ALA B 246 9.14 -25.46 -1.76
CA ALA B 246 7.80 -25.14 -2.25
C ALA B 246 7.64 -25.42 -3.73
N PHE B 247 8.71 -25.30 -4.50
CA PHE B 247 8.62 -25.54 -5.94
C PHE B 247 8.73 -27.00 -6.30
N LEU B 248 8.87 -27.88 -5.31
CA LEU B 248 8.85 -29.31 -5.58
C LEU B 248 7.46 -29.78 -6.00
N SER B 249 6.42 -29.08 -5.59
CA SER B 249 5.08 -29.40 -6.04
C SER B 249 4.93 -29.19 -7.53
N SER B 250 5.51 -28.09 -8.05
CA SER B 250 5.47 -27.84 -9.49
C SER B 250 6.16 -28.95 -10.26
N GLY B 251 7.38 -29.33 -9.85
CA GLY B 251 8.11 -30.35 -10.58
C GLY B 251 7.47 -31.73 -10.48
N ILE B 252 6.96 -32.06 -9.29
CA ILE B 252 6.36 -33.38 -9.10
C ILE B 252 5.07 -33.50 -9.91
N LEU B 253 4.28 -32.44 -9.94
CA LEU B 253 3.10 -32.44 -10.80
C LEU B 253 3.48 -32.51 -12.26
N GLU B 254 4.60 -31.88 -12.64
CA GLU B 254 5.07 -31.98 -14.02
C GLU B 254 5.66 -33.35 -14.32
N PHE B 255 6.17 -34.03 -13.29
CA PHE B 255 6.69 -35.37 -13.49
C PHE B 255 5.56 -36.38 -13.69
N PHE B 256 4.51 -36.27 -12.87
CA PHE B 256 3.43 -37.23 -12.95
C PHE B 256 2.51 -36.97 -14.14
N THR B 257 2.49 -35.74 -14.66
CA THR B 257 1.78 -35.53 -15.91
C THR B 257 2.60 -36.05 -17.09
N SER B 258 3.94 -35.95 -17.02
CA SER B 258 4.78 -36.50 -18.07
C SER B 258 4.84 -38.02 -18.03
N LEU B 259 4.90 -38.60 -16.83
CA LEU B 259 4.89 -40.04 -16.70
C LEU B 259 3.57 -40.63 -17.21
N SER B 260 2.45 -39.98 -16.90
CA SER B 260 1.16 -40.50 -17.33
C SER B 260 1.00 -40.45 -18.84
N ILE B 261 1.47 -39.38 -19.47
CA ILE B 261 1.39 -39.29 -20.93
C ILE B 261 2.30 -40.33 -21.57
N ALA B 262 3.51 -40.50 -21.04
CA ALA B 262 4.41 -41.53 -21.54
C ALA B 262 3.87 -42.93 -21.30
N LEU B 263 3.27 -43.16 -20.13
CA LEU B 263 2.73 -44.48 -19.83
C LEU B 263 1.53 -44.80 -20.69
N VAL B 264 0.67 -43.82 -20.94
CA VAL B 264 -0.45 -44.03 -21.86
C VAL B 264 0.06 -44.31 -23.26
N ALA B 265 1.08 -43.57 -23.69
CA ALA B 265 1.66 -43.80 -25.01
C ALA B 265 2.31 -45.16 -25.10
N VAL B 266 3.04 -45.56 -24.06
CA VAL B 266 3.76 -46.82 -24.09
C VAL B 266 2.80 -47.99 -24.01
N TYR B 267 1.80 -47.92 -23.12
CA TYR B 267 0.85 -49.01 -22.99
C TYR B 267 0.09 -49.23 -24.28
N PHE B 268 -0.49 -48.16 -24.83
CA PHE B 268 -1.27 -48.31 -26.06
C PHE B 268 -0.37 -48.67 -27.23
N GLY B 269 0.81 -48.07 -27.31
CA GLY B 269 1.68 -48.33 -28.45
C GLY B 269 2.12 -49.77 -28.54
N PHE B 270 2.45 -50.37 -27.40
CA PHE B 270 2.87 -51.77 -27.40
C PHE B 270 1.67 -52.72 -27.46
N SER B 271 0.49 -52.26 -27.05
CA SER B 271 -0.71 -53.05 -27.27
C SER B 271 -0.99 -53.21 -28.75
N TYR B 272 -0.80 -52.14 -29.53
CA TYR B 272 -0.97 -52.23 -30.97
C TYR B 272 0.05 -53.16 -31.59
N LEU B 273 1.29 -53.09 -31.12
CA LEU B 273 2.36 -53.96 -31.62
C LEU B 273 2.16 -55.41 -31.22
N GLY B 274 1.30 -55.70 -30.26
CA GLY B 274 1.06 -57.05 -29.81
C GLY B 274 1.82 -57.47 -28.56
N GLU B 275 2.66 -56.59 -28.01
CA GLU B 275 3.43 -56.95 -26.83
C GLU B 275 2.55 -57.18 -25.62
N LEU B 276 1.54 -56.34 -25.43
CA LEU B 276 0.66 -56.41 -24.27
C LEU B 276 -0.73 -56.89 -24.69
N ASP B 277 -1.41 -57.56 -23.76
CA ASP B 277 -2.74 -58.09 -24.05
C ASP B 277 -3.68 -57.92 -22.86
N PHE B 278 -3.53 -56.84 -22.10
CA PHE B 278 -4.36 -56.61 -20.93
C PHE B 278 -4.96 -55.21 -20.95
N GLY B 279 -6.11 -55.06 -20.30
CA GLY B 279 -6.72 -53.78 -20.07
C GLY B 279 -7.81 -53.39 -21.04
N HIS B 280 -7.98 -54.12 -22.13
CA HIS B 280 -8.87 -53.69 -23.21
C HIS B 280 -10.23 -54.38 -23.19
N TYR B 281 -10.60 -55.03 -22.08
CA TYR B 281 -11.90 -55.69 -21.94
C TYR B 281 -12.13 -56.69 -23.05
N ASP B 282 -11.09 -57.49 -23.34
CA ASP B 282 -11.08 -58.64 -24.25
C ASP B 282 -11.87 -58.39 -25.53
N THR B 283 -11.92 -57.14 -25.97
CA THR B 283 -12.61 -56.76 -27.21
C THR B 283 -11.63 -56.33 -28.29
N GLY B 284 -10.48 -55.80 -27.92
CA GLY B 284 -9.49 -55.33 -28.86
C GLY B 284 -9.27 -53.84 -28.65
N VAL B 285 -8.01 -53.43 -28.70
CA VAL B 285 -7.65 -52.04 -28.50
C VAL B 285 -7.60 -51.34 -29.85
N THR B 286 -8.26 -50.19 -29.94
CA THR B 286 -8.38 -49.44 -31.17
C THR B 286 -7.53 -48.18 -31.09
N LEU B 287 -7.30 -47.56 -32.25
CA LEU B 287 -6.59 -46.29 -32.26
C LEU B 287 -7.44 -45.18 -31.70
N ALA B 288 -8.77 -45.29 -31.85
CA ALA B 288 -9.66 -44.30 -31.26
C ALA B 288 -9.61 -44.35 -29.74
N ALA B 289 -9.50 -45.55 -29.17
CA ALA B 289 -9.36 -45.67 -27.72
C ALA B 289 -8.02 -45.11 -27.26
N GLY B 290 -6.97 -45.35 -28.02
CA GLY B 290 -5.66 -44.83 -27.65
C GLY B 290 -5.60 -43.32 -27.73
N PHE B 291 -6.23 -42.74 -28.75
CA PHE B 291 -6.21 -41.29 -28.91
C PHE B 291 -7.07 -40.61 -27.86
N LEU B 292 -8.18 -41.24 -27.49
CA LEU B 292 -9.05 -40.66 -26.46
C LEU B 292 -8.31 -40.52 -25.13
N ALA B 293 -7.50 -41.53 -24.77
CA ALA B 293 -6.76 -41.46 -23.52
C ALA B 293 -5.59 -40.50 -23.63
N LEU B 294 -4.98 -40.39 -24.81
CA LEU B 294 -3.86 -39.47 -24.99
C LEU B 294 -4.32 -38.02 -24.96
N ILE B 295 -5.44 -37.70 -25.60
CA ILE B 295 -5.93 -36.33 -25.57
C ILE B 295 -6.39 -35.97 -24.16
N LEU B 296 -6.93 -36.92 -23.43
CA LEU B 296 -7.46 -36.66 -22.09
C LEU B 296 -6.42 -36.84 -20.99
N ALA B 297 -5.20 -37.26 -21.30
CA ALA B 297 -4.19 -37.40 -20.26
C ALA B 297 -3.62 -36.05 -19.83
N PRO B 298 -3.27 -35.13 -20.72
CA PRO B 298 -2.92 -33.78 -20.25
C PRO B 298 -4.10 -33.01 -19.70
N GLU B 299 -5.32 -33.37 -20.08
CA GLU B 299 -6.50 -32.72 -19.53
C GLU B 299 -6.81 -33.20 -18.13
N PHE B 300 -6.31 -34.37 -17.75
CA PHE B 300 -6.52 -34.88 -16.40
C PHE B 300 -5.76 -34.06 -15.38
N PHE B 301 -4.57 -33.56 -15.74
CA PHE B 301 -3.73 -32.79 -14.84
C PHE B 301 -3.86 -31.28 -15.02
N GLN B 302 -4.44 -30.83 -16.13
CA GLN B 302 -4.54 -29.41 -16.40
C GLN B 302 -5.24 -28.62 -15.29
N PRO B 303 -6.36 -29.08 -14.71
CA PRO B 303 -6.95 -28.31 -13.60
C PRO B 303 -6.02 -28.15 -12.42
N LEU B 304 -5.16 -29.14 -12.14
CA LEU B 304 -4.21 -29.01 -11.05
C LEU B 304 -3.04 -28.11 -11.43
N ARG B 305 -2.61 -28.17 -12.68
CA ARG B 305 -1.54 -27.29 -13.13
C ARG B 305 -2.00 -25.84 -13.16
N ASP B 306 -3.26 -25.61 -13.54
CA ASP B 306 -3.79 -24.26 -13.54
C ASP B 306 -4.02 -23.74 -12.12
N LEU B 307 -4.14 -24.64 -11.15
CA LEU B 307 -4.30 -24.22 -9.76
C LEU B 307 -3.00 -23.66 -9.20
N GLY B 308 -1.86 -24.07 -9.75
CA GLY B 308 -0.59 -23.46 -9.37
C GLY B 308 -0.36 -22.14 -10.07
N THR B 309 -1.04 -21.91 -11.19
CA THR B 309 -1.03 -20.59 -11.80
C THR B 309 -1.78 -19.58 -10.93
N PHE B 310 -2.68 -20.07 -10.08
CA PHE B 310 -3.45 -19.23 -9.17
C PHE B 310 -2.90 -19.23 -7.76
N TYR B 311 -1.65 -19.62 -7.56
CA TYR B 311 -1.09 -19.61 -6.21
C TYR B 311 -1.12 -18.22 -5.60
N HIS B 312 -0.80 -17.20 -6.39
CA HIS B 312 -0.68 -15.85 -5.87
C HIS B 312 -2.03 -15.21 -5.58
N ALA B 313 -3.07 -15.60 -6.31
CA ALA B 313 -4.41 -15.17 -5.96
C ALA B 313 -4.74 -15.59 -4.54
N LYS B 314 -4.36 -16.81 -4.17
CA LYS B 314 -4.61 -17.30 -2.82
C LYS B 314 -3.65 -16.68 -1.82
N ALA B 315 -2.40 -16.50 -2.21
CA ALA B 315 -1.40 -15.97 -1.29
C ALA B 315 -1.72 -14.54 -0.88
N GLN B 316 -2.23 -13.74 -1.81
CA GLN B 316 -2.57 -12.35 -1.49
C GLN B 316 -3.92 -12.23 -0.81
N ALA B 317 -4.79 -13.23 -0.92
CA ALA B 317 -6.03 -13.23 -0.16
C ALA B 317 -5.78 -13.63 1.28
N VAL B 318 -4.85 -14.56 1.50
CA VAL B 318 -4.49 -14.95 2.86
C VAL B 318 -3.78 -13.81 3.56
N GLY B 319 -2.98 -13.05 2.83
CA GLY B 319 -2.38 -11.85 3.41
C GLY B 319 -3.40 -10.79 3.72
N ALA B 320 -4.43 -10.67 2.88
CA ALA B 320 -5.49 -9.71 3.13
C ALA B 320 -6.41 -10.18 4.24
N ALA B 321 -6.71 -11.48 4.29
CA ALA B 321 -7.51 -12.04 5.37
C ALA B 321 -6.83 -11.89 6.72
N ASP B 322 -5.50 -11.88 6.76
CA ASP B 322 -4.80 -11.70 8.02
C ASP B 322 -5.11 -10.34 8.63
N SER B 323 -5.18 -9.29 7.80
CA SER B 323 -5.50 -7.96 8.30
C SER B 323 -7.00 -7.81 8.56
N LEU B 324 -7.84 -8.46 7.75
CA LEU B 324 -9.27 -8.26 7.87
C LEU B 324 -9.88 -9.14 8.95
N LYS B 325 -9.27 -10.29 9.22
CA LYS B 325 -9.78 -11.14 10.28
C LYS B 325 -9.53 -10.51 11.65
N THR B 326 -8.34 -9.96 11.87
CA THR B 326 -8.07 -9.37 13.17
C THR B 326 -8.84 -8.07 13.36
N PHE B 327 -9.04 -7.31 12.28
CA PHE B 327 -9.85 -6.10 12.40
C PHE B 327 -11.26 -6.42 12.85
N MET B 328 -11.88 -7.42 12.23
CA MET B 328 -13.26 -7.76 12.55
C MET B 328 -13.41 -8.39 13.92
N GLU B 329 -12.30 -8.73 14.58
CA GLU B 329 -12.33 -9.46 15.83
C GLU B 329 -11.83 -8.67 17.03
N THR B 330 -11.22 -7.51 16.82
CA THR B 330 -10.81 -6.70 17.97
C THR B 330 -12.05 -6.24 18.73
N PRO B 331 -12.12 -6.46 20.05
CA PRO B 331 -13.24 -5.93 20.81
C PRO B 331 -13.11 -4.43 20.98
N LEU B 332 -14.26 -3.76 20.99
CA LEU B 332 -14.32 -2.31 21.04
C LEU B 332 -15.31 -1.86 22.11
N ALA B 333 -15.04 -0.68 22.67
CA ALA B 333 -15.83 -0.20 23.80
C ALA B 333 -17.28 0.06 23.41
N HIS B 334 -17.49 0.81 22.32
CA HIS B 334 -18.84 1.08 21.82
C HIS B 334 -19.73 1.72 22.88
N PRO B 335 -19.58 3.02 23.15
CA PRO B 335 -20.42 3.67 24.15
C PRO B 335 -21.90 3.37 23.95
N GLN B 336 -22.55 2.90 25.01
CA GLN B 336 -23.92 2.43 24.88
C GLN B 336 -24.88 3.59 24.70
N ARG B 337 -25.87 3.37 23.83
CA ARG B 337 -26.86 4.42 23.46
C ARG B 337 -28.22 4.13 24.10
N GLY B 338 -28.81 5.14 24.74
CA GLY B 338 -30.10 5.04 25.37
C GLY B 338 -31.22 5.38 24.42
N GLU B 339 -32.39 5.65 24.98
CA GLU B 339 -33.55 6.06 24.21
C GLU B 339 -34.12 7.40 24.65
N ALA B 340 -33.67 7.95 25.77
CA ALA B 340 -34.22 9.19 26.28
C ALA B 340 -33.89 10.35 25.34
N GLU B 341 -34.75 11.36 25.35
CA GLU B 341 -34.56 12.54 24.52
C GLU B 341 -34.57 13.79 25.41
N LEU B 342 -33.81 14.78 24.98
CA LEU B 342 -33.69 16.04 25.72
C LEU B 342 -34.84 16.94 25.30
N ALA B 343 -35.75 17.22 26.22
CA ALA B 343 -36.99 17.90 25.85
C ALA B 343 -36.72 19.35 25.41
N SER B 344 -35.97 20.10 26.22
CA SER B 344 -35.84 21.52 25.97
C SER B 344 -34.70 21.80 24.98
N THR B 345 -34.71 23.02 24.45
CA THR B 345 -33.67 23.49 23.50
C THR B 345 -32.81 24.56 24.20
N ASP B 346 -33.06 24.78 25.50
CA ASP B 346 -32.32 25.77 26.33
C ASP B 346 -30.92 25.24 26.67
N PRO B 347 -29.96 26.10 27.08
CA PRO B 347 -28.61 25.64 27.40
C PRO B 347 -28.66 24.58 28.52
N VAL B 348 -27.86 23.52 28.37
CA VAL B 348 -27.85 22.38 29.32
C VAL B 348 -26.96 22.68 30.54
N THR B 349 -27.10 21.88 31.60
CA THR B 349 -26.32 21.99 32.83
C THR B 349 -25.54 20.70 33.01
N ILE B 350 -24.30 20.68 32.51
CA ILE B 350 -23.49 19.48 32.57
C ILE B 350 -23.01 19.27 34.00
N GLU B 351 -23.23 18.06 34.52
CA GLU B 351 -22.76 17.69 35.85
C GLU B 351 -22.05 16.35 35.77
N ALA B 352 -20.89 16.26 36.41
CA ALA B 352 -20.13 15.01 36.41
C ALA B 352 -19.62 14.73 37.82
N GLU B 353 -19.70 13.47 38.22
CA GLU B 353 -19.14 13.04 39.50
C GLU B 353 -18.58 11.63 39.35
N GLU B 354 -17.34 11.44 39.79
CA GLU B 354 -16.66 10.15 39.68
C GLU B 354 -16.67 9.63 38.25
N LEU B 355 -16.42 10.55 37.31
CA LEU B 355 -16.53 10.25 35.89
C LEU B 355 -15.18 9.83 35.33
N PHE B 356 -15.13 8.64 34.75
CA PHE B 356 -13.92 8.12 34.11
C PHE B 356 -14.19 7.96 32.63
N ILE B 357 -13.30 8.47 31.80
CA ILE B 357 -13.44 8.37 30.35
C ILE B 357 -12.56 7.25 29.85
N THR B 358 -13.11 6.39 28.99
CA THR B 358 -12.44 5.19 28.53
C THR B 358 -12.27 5.20 27.03
N SER B 359 -11.07 4.86 26.57
CA SER B 359 -10.79 4.76 25.15
C SER B 359 -11.51 3.53 24.56
N PRO B 360 -11.66 3.47 23.24
CA PRO B 360 -12.34 2.30 22.64
C PRO B 360 -11.64 0.99 22.92
N GLU B 361 -10.35 1.01 23.24
CA GLU B 361 -9.60 -0.20 23.55
C GLU B 361 -9.63 -0.57 25.03
N GLY B 362 -10.28 0.22 25.87
CA GLY B 362 -10.36 -0.05 27.28
C GLY B 362 -9.48 0.80 28.16
N LYS B 363 -8.50 1.49 27.58
CA LYS B 363 -7.65 2.38 28.36
C LYS B 363 -8.44 3.53 28.96
N THR B 364 -8.05 3.96 30.15
CA THR B 364 -8.67 5.09 30.81
C THR B 364 -7.92 6.36 30.42
N LEU B 365 -8.66 7.33 29.86
CA LEU B 365 -8.06 8.54 29.33
C LEU B 365 -8.12 9.71 30.32
N ALA B 366 -9.16 9.78 31.13
CA ALA B 366 -9.31 10.83 32.13
C ALA B 366 -9.77 10.19 33.43
N GLY B 367 -9.12 10.58 34.54
CA GLY B 367 -9.39 9.98 35.82
C GLY B 367 -10.66 10.50 36.42
N PRO B 368 -10.69 10.70 37.75
CA PRO B 368 -11.92 11.15 38.40
C PRO B 368 -12.22 12.60 38.10
N LEU B 369 -13.34 12.84 37.41
CA LEU B 369 -13.81 14.18 37.08
C LEU B 369 -14.99 14.51 37.98
N ASN B 370 -14.95 15.68 38.61
CA ASN B 370 -16.01 16.08 39.54
C ASN B 370 -16.42 17.53 39.29
N PHE B 371 -16.67 17.88 38.04
CA PHE B 371 -17.00 19.25 37.71
C PHE B 371 -18.51 19.47 37.65
N THR B 372 -18.89 20.73 37.54
CA THR B 372 -20.28 21.14 37.36
C THR B 372 -20.31 22.43 36.57
N LEU B 373 -21.14 22.46 35.53
CA LEU B 373 -21.20 23.61 34.63
C LEU B 373 -22.65 24.06 34.49
N PRO B 374 -23.04 25.18 35.08
CA PRO B 374 -24.43 25.62 35.00
C PRO B 374 -24.80 26.04 33.59
N ALA B 375 -26.10 26.17 33.37
CA ALA B 375 -26.61 26.51 32.04
C ALA B 375 -26.11 27.87 31.59
N GLY B 376 -25.75 27.95 30.31
CA GLY B 376 -25.36 29.21 29.72
C GLY B 376 -23.99 29.72 30.11
N GLN B 377 -23.21 28.93 30.82
CA GLN B 377 -21.89 29.34 31.30
C GLN B 377 -20.79 28.72 30.43
N ARG B 378 -19.71 29.47 30.26
CA ARG B 378 -18.58 29.05 29.44
C ARG B 378 -17.42 28.67 30.33
N ALA B 379 -16.81 27.52 30.07
CA ALA B 379 -15.68 27.04 30.83
C ALA B 379 -14.55 26.68 29.89
N VAL B 380 -13.32 26.68 30.41
CA VAL B 380 -12.14 26.36 29.61
C VAL B 380 -11.37 25.23 30.27
N LEU B 381 -10.93 24.27 29.46
CA LEU B 381 -9.98 23.25 29.88
C LEU B 381 -8.58 23.73 29.50
N VAL B 382 -7.66 23.68 30.46
CA VAL B 382 -6.26 24.03 30.23
C VAL B 382 -5.41 22.97 30.91
N GLY B 383 -4.19 22.82 30.42
CA GLY B 383 -3.29 21.85 30.99
C GLY B 383 -2.25 21.43 29.97
N ARG B 384 -1.31 20.60 30.45
CA ARG B 384 -0.20 20.07 29.61
C ARG B 384 -0.78 19.08 28.60
N SER B 385 -0.21 19.06 27.39
CA SER B 385 -0.64 18.13 26.34
C SER B 385 -0.57 16.70 26.85
N GLY B 386 -1.61 15.93 26.55
CA GLY B 386 -1.69 14.56 27.03
C GLY B 386 -2.31 14.40 28.40
N SER B 387 -2.99 15.41 28.91
CA SER B 387 -3.61 15.35 30.22
C SER B 387 -5.08 14.95 30.16
N GLY B 388 -5.60 14.62 28.97
CA GLY B 388 -6.98 14.20 28.84
C GLY B 388 -7.97 15.31 28.64
N LYS B 389 -7.53 16.52 28.27
CA LYS B 389 -8.48 17.60 28.01
C LYS B 389 -9.38 17.28 26.84
N SER B 390 -8.78 16.82 25.74
CA SER B 390 -9.55 16.50 24.55
C SER B 390 -10.47 15.32 24.76
N SER B 391 -10.16 14.44 25.70
CA SER B 391 -10.98 13.27 25.94
C SER B 391 -12.31 13.64 26.57
N LEU B 392 -12.36 14.72 27.34
CA LEU B 392 -13.59 15.13 27.97
C LEU B 392 -14.58 15.67 26.94
N LEU B 393 -14.08 16.35 25.91
CA LEU B 393 -14.96 16.85 24.86
C LEU B 393 -15.50 15.71 24.01
N ASN B 394 -14.73 14.64 23.84
CA ASN B 394 -15.21 13.51 23.06
C ASN B 394 -16.22 12.69 23.85
N ALA B 395 -16.09 12.64 25.17
CA ALA B 395 -17.13 11.99 25.98
C ALA B 395 -18.45 12.73 25.88
N LEU B 396 -18.41 14.06 25.92
CA LEU B 396 -19.63 14.84 25.81
C LEU B 396 -20.27 14.72 24.44
N SER B 397 -19.46 14.49 23.41
CA SER B 397 -19.98 14.31 22.06
C SER B 397 -20.59 12.94 21.84
N GLY B 398 -20.43 12.03 22.79
CA GLY B 398 -20.90 10.67 22.62
C GLY B 398 -19.92 9.74 21.96
N PHE B 399 -18.68 10.19 21.72
CA PHE B 399 -17.71 9.36 21.03
C PHE B 399 -16.99 8.39 21.94
N LEU B 400 -17.10 8.56 23.26
CA LEU B 400 -16.37 7.74 24.21
C LEU B 400 -17.30 7.24 25.29
N SER B 401 -17.09 6.00 25.71
CA SER B 401 -17.83 5.44 26.83
C SER B 401 -17.19 5.89 28.14
N TYR B 402 -18.01 5.94 29.18
CA TYR B 402 -17.54 6.41 30.48
C TYR B 402 -18.11 5.56 31.60
N GLN B 403 -17.32 5.43 32.66
CA GLN B 403 -17.73 4.71 33.90
C GLN B 403 -17.89 5.77 34.99
N GLY B 404 -19.12 6.17 35.27
CA GLY B 404 -19.37 7.23 36.25
C GLY B 404 -20.71 7.89 35.98
N SER B 405 -20.78 9.16 36.33
CA SER B 405 -21.97 9.97 36.12
C SER B 405 -21.63 11.17 35.25
N LEU B 406 -22.44 11.40 34.22
CA LEU B 406 -22.31 12.58 33.37
C LEU B 406 -23.72 12.95 32.93
N ARG B 407 -24.34 13.87 33.67
CA ARG B 407 -25.75 14.20 33.49
C ARG B 407 -25.87 15.51 32.74
N ILE B 408 -26.72 15.54 31.72
CA ILE B 408 -26.83 16.72 30.88
C ILE B 408 -27.85 17.69 31.45
N ASN B 409 -29.05 17.21 31.78
CA ASN B 409 -30.03 17.99 32.53
C ASN B 409 -30.62 17.10 33.61
N GLY B 410 -29.76 16.42 34.35
CA GLY B 410 -30.19 15.36 35.24
C GLY B 410 -30.37 14.02 34.57
N ILE B 411 -30.21 13.95 33.25
CA ILE B 411 -30.32 12.72 32.50
C ILE B 411 -28.92 12.25 32.16
N GLU B 412 -28.62 10.99 32.44
CA GLU B 412 -27.30 10.46 32.13
C GLU B 412 -27.07 10.48 30.62
N LEU B 413 -25.82 10.77 30.23
CA LEU B 413 -25.49 10.80 28.81
C LEU B 413 -25.62 9.43 28.19
N ARG B 414 -25.50 8.37 28.98
CA ARG B 414 -25.70 7.02 28.46
C ARG B 414 -27.13 6.83 27.96
N ASP B 415 -28.09 7.38 28.69
CA ASP B 415 -29.51 7.17 28.37
C ASP B 415 -30.00 8.07 27.25
N LEU B 416 -29.25 9.10 26.89
CA LEU B 416 -29.68 9.99 25.81
C LEU B 416 -29.47 9.32 24.46
N SER B 417 -30.49 9.38 23.61
CA SER B 417 -30.36 8.85 22.27
C SER B 417 -29.38 9.70 21.48
N PRO B 418 -28.34 9.12 20.89
CA PRO B 418 -27.32 9.94 20.24
C PRO B 418 -27.85 10.85 19.15
N GLU B 419 -28.84 10.40 18.39
CA GLU B 419 -29.34 11.23 17.29
C GLU B 419 -30.00 12.49 17.81
N SER B 420 -30.78 12.38 18.89
CA SER B 420 -31.44 13.56 19.43
C SER B 420 -30.48 14.43 20.22
N TRP B 421 -29.53 13.81 20.93
CA TRP B 421 -28.56 14.58 21.70
C TRP B 421 -27.67 15.41 20.79
N ARG B 422 -27.24 14.83 19.67
CA ARG B 422 -26.29 15.51 18.80
C ARG B 422 -26.92 16.62 17.98
N LYS B 423 -28.24 16.76 17.99
CA LYS B 423 -28.86 17.92 17.37
C LYS B 423 -28.85 19.13 18.29
N HIS B 424 -28.42 18.96 19.54
CA HIS B 424 -28.23 20.06 20.47
C HIS B 424 -26.76 20.39 20.66
N LEU B 425 -25.91 19.99 19.72
CA LEU B 425 -24.47 20.00 19.89
C LEU B 425 -23.81 20.64 18.69
N SER B 426 -22.95 21.62 18.93
CA SER B 426 -22.13 22.23 17.90
C SER B 426 -20.68 22.14 18.33
N TRP B 427 -19.80 21.87 17.39
CA TRP B 427 -18.40 21.61 17.72
C TRP B 427 -17.49 22.26 16.69
N VAL B 428 -16.48 22.97 17.17
CA VAL B 428 -15.41 23.49 16.35
C VAL B 428 -14.09 22.99 16.93
N GLY B 429 -13.28 22.32 16.11
CA GLY B 429 -12.02 21.79 16.56
C GLY B 429 -10.89 22.23 15.66
N GLN B 430 -9.67 21.98 16.11
CA GLN B 430 -8.51 22.15 15.26
C GLN B 430 -8.50 21.07 14.19
N ASN B 431 -7.78 21.34 13.11
CA ASN B 431 -7.80 20.48 11.93
C ASN B 431 -9.23 20.36 11.42
N PRO B 432 -9.78 21.42 10.83
CA PRO B 432 -11.16 21.36 10.37
C PRO B 432 -11.32 20.36 9.24
N GLN B 433 -12.51 19.75 9.19
CA GLN B 433 -12.87 18.74 8.17
C GLN B 433 -14.07 19.27 7.37
N LEU B 434 -13.89 19.39 6.05
CA LEU B 434 -14.93 19.89 5.15
C LEU B 434 -15.31 18.76 4.22
N PRO B 435 -16.24 17.90 4.63
CA PRO B 435 -16.54 16.71 3.81
C PRO B 435 -17.31 17.04 2.54
N ALA B 436 -18.08 18.11 2.52
CA ALA B 436 -18.94 18.39 1.39
C ALA B 436 -18.12 18.83 0.17
N ALA B 437 -18.83 19.16 -0.91
CA ALA B 437 -18.18 19.49 -2.16
C ALA B 437 -17.89 20.98 -2.26
N THR B 438 -18.93 21.80 -2.19
CA THR B 438 -18.79 23.24 -2.33
C THR B 438 -18.76 23.91 -0.96
N LEU B 439 -18.25 25.14 -0.92
CA LEU B 439 -18.14 25.85 0.33
C LEU B 439 -19.51 26.18 0.91
N ARG B 440 -20.52 26.32 0.04
CA ARG B 440 -21.87 26.54 0.54
C ARG B 440 -22.45 25.27 1.13
N ASP B 441 -22.12 24.12 0.55
CA ASP B 441 -22.58 22.84 1.10
C ASP B 441 -21.93 22.56 2.45
N ASN B 442 -20.66 22.90 2.59
CA ASN B 442 -19.96 22.64 3.85
C ASN B 442 -20.54 23.47 4.99
N VAL B 443 -20.80 24.75 4.73
CA VAL B 443 -21.39 25.61 5.76
C VAL B 443 -22.80 25.16 6.09
N LEU B 444 -23.55 24.75 5.08
CA LEU B 444 -24.95 24.43 5.24
C LEU B 444 -25.15 22.99 5.70
N LEU B 445 -24.06 22.27 5.96
CA LEU B 445 -24.13 20.89 6.41
C LEU B 445 -24.87 20.76 7.74
N ALA B 446 -24.83 21.80 8.57
CA ALA B 446 -25.47 21.75 9.87
C ALA B 446 -26.97 21.55 9.74
N ARG B 447 -27.61 22.33 8.87
CA ARG B 447 -29.02 22.14 8.54
C ARG B 447 -29.32 22.68 7.15
N PRO B 448 -29.54 21.81 6.17
CA PRO B 448 -29.76 22.29 4.80
C PRO B 448 -31.04 23.11 4.62
N ASP B 449 -31.97 23.04 5.56
CA ASP B 449 -33.21 23.79 5.44
C ASP B 449 -33.06 25.27 5.77
N ALA B 450 -31.85 25.71 6.11
CA ALA B 450 -31.65 27.11 6.49
C ALA B 450 -31.96 28.04 5.33
N SER B 451 -32.54 29.20 5.65
CA SER B 451 -32.84 30.19 4.63
C SER B 451 -31.57 30.91 4.19
N GLU B 452 -31.68 31.61 3.06
CA GLU B 452 -30.54 32.36 2.54
C GLU B 452 -30.17 33.51 3.47
N GLN B 453 -31.16 34.12 4.13
CA GLN B 453 -30.86 35.18 5.08
C GLN B 453 -30.09 34.64 6.27
N GLU B 454 -30.47 33.46 6.77
CA GLU B 454 -29.72 32.85 7.87
C GLU B 454 -28.32 32.45 7.43
N LEU B 455 -28.19 31.90 6.22
CA LEU B 455 -26.87 31.51 5.73
C LEU B 455 -25.94 32.71 5.60
N GLN B 456 -26.47 33.83 5.10
CA GLN B 456 -25.63 35.01 4.94
C GLN B 456 -25.21 35.57 6.29
N ALA B 457 -26.07 35.47 7.30
CA ALA B 457 -25.70 35.89 8.65
C ALA B 457 -24.55 35.04 9.18
N ALA B 458 -24.61 33.73 8.96
CA ALA B 458 -23.54 32.85 9.41
C ALA B 458 -22.23 33.13 8.67
N LEU B 459 -22.30 33.37 7.36
CA LEU B 459 -21.11 33.68 6.59
C LEU B 459 -20.54 35.04 6.93
N ASP B 460 -21.35 35.93 7.50
CA ASP B 460 -20.87 37.25 7.91
C ASP B 460 -20.28 37.24 9.32
N ASN B 461 -20.94 36.55 10.25
CA ASN B 461 -20.45 36.52 11.62
C ASN B 461 -19.15 35.73 11.73
N ALA B 462 -18.99 34.69 10.91
CA ALA B 462 -17.77 33.90 10.90
C ALA B 462 -16.67 34.54 10.06
N TRP B 463 -16.95 35.67 9.42
CA TRP B 463 -16.01 36.38 8.56
C TRP B 463 -15.59 35.53 7.37
N VAL B 464 -16.49 34.65 6.91
CA VAL B 464 -16.23 33.91 5.68
C VAL B 464 -16.38 34.83 4.47
N SER B 465 -17.32 35.77 4.54
CA SER B 465 -17.60 36.62 3.38
C SER B 465 -16.46 37.56 3.05
N GLU B 466 -15.52 37.78 3.98
CA GLU B 466 -14.45 38.73 3.68
C GLU B 466 -13.39 38.14 2.76
N PHE B 467 -13.32 36.82 2.64
CA PHE B 467 -12.40 36.19 1.69
C PHE B 467 -13.14 35.50 0.56
N LEU B 468 -14.46 35.60 0.51
CA LEU B 468 -15.20 35.07 -0.63
C LEU B 468 -14.82 35.72 -1.95
N PRO B 469 -14.65 37.05 -2.05
CA PRO B 469 -14.18 37.62 -3.34
C PRO B 469 -12.88 37.01 -3.82
N LEU B 470 -11.94 36.69 -2.91
CA LEU B 470 -10.70 36.07 -3.33
C LEU B 470 -10.93 34.68 -3.95
N LEU B 471 -12.05 34.05 -3.66
CA LEU B 471 -12.34 32.75 -4.23
C LEU B 471 -12.86 32.90 -5.67
N PRO B 472 -12.56 31.93 -6.55
CA PRO B 472 -13.00 32.07 -7.94
C PRO B 472 -14.52 32.09 -8.11
N GLN B 473 -15.22 31.06 -7.63
CA GLN B 473 -16.67 30.99 -7.79
C GLN B 473 -17.43 31.61 -6.63
N GLY B 474 -16.74 32.10 -5.60
CA GLY B 474 -17.42 32.69 -4.46
C GLY B 474 -17.91 31.67 -3.47
N VAL B 475 -19.17 31.81 -3.03
CA VAL B 475 -19.70 30.90 -2.03
C VAL B 475 -19.84 29.49 -2.59
N ASP B 476 -20.17 29.36 -3.87
CA ASP B 476 -20.33 28.05 -4.49
C ASP B 476 -19.02 27.57 -5.12
N THR B 477 -17.96 27.63 -4.35
CA THR B 477 -16.65 27.24 -4.82
C THR B 477 -16.35 25.82 -4.41
N PRO B 478 -15.90 24.95 -5.31
CA PRO B 478 -15.42 23.64 -4.87
C PRO B 478 -14.28 23.79 -3.89
N VAL B 479 -14.37 23.07 -2.78
CA VAL B 479 -13.37 23.19 -1.73
C VAL B 479 -12.14 22.35 -2.03
N GLY B 480 -12.28 21.27 -2.79
CA GLY B 480 -11.15 20.45 -3.16
C GLY B 480 -10.91 19.32 -2.17
N ASP B 481 -9.96 18.47 -2.53
CA ASP B 481 -9.61 17.34 -1.69
C ASP B 481 -8.89 17.81 -0.44
N GLN B 482 -9.50 17.55 0.72
CA GLN B 482 -8.97 17.97 2.01
C GLN B 482 -8.75 19.48 2.06
N ALA B 483 -9.72 20.23 1.51
CA ALA B 483 -9.71 21.68 1.52
C ALA B 483 -8.41 22.24 0.95
N ALA B 484 -8.07 21.78 -0.25
CA ALA B 484 -6.84 22.26 -0.90
C ALA B 484 -6.97 23.71 -1.35
N ARG B 485 -8.16 24.12 -1.81
CA ARG B 485 -8.33 25.49 -2.29
C ARG B 485 -8.15 26.48 -1.16
N LEU B 486 -8.70 26.19 0.02
CA LEU B 486 -8.68 27.10 1.16
C LEU B 486 -7.48 26.82 2.05
N SER B 487 -6.86 27.89 2.54
CA SER B 487 -5.85 27.73 3.56
C SER B 487 -6.50 27.36 4.89
N VAL B 488 -5.68 26.85 5.81
CA VAL B 488 -6.21 26.37 7.08
C VAL B 488 -6.91 27.51 7.82
N GLY B 489 -6.45 28.74 7.62
CA GLY B 489 -7.07 29.87 8.30
C GLY B 489 -8.50 30.12 7.86
N GLN B 490 -8.76 30.00 6.56
CA GLN B 490 -10.11 30.24 6.05
C GLN B 490 -10.96 28.97 6.03
N ALA B 491 -10.35 27.79 6.04
CA ALA B 491 -11.12 26.58 6.23
C ALA B 491 -11.72 26.54 7.64
N GLN B 492 -10.96 26.98 8.63
CA GLN B 492 -11.47 26.98 10.00
C GLN B 492 -12.60 27.99 10.18
N ARG B 493 -12.56 29.10 9.44
CA ARG B 493 -13.66 30.05 9.50
C ARG B 493 -14.92 29.47 8.89
N VAL B 494 -14.78 28.57 7.92
CA VAL B 494 -15.94 27.86 7.38
C VAL B 494 -16.53 26.94 8.43
N ALA B 495 -15.67 26.31 9.23
CA ALA B 495 -16.15 25.47 10.33
C ALA B 495 -16.86 26.30 11.38
N VAL B 496 -16.38 27.52 11.64
CA VAL B 496 -17.06 28.41 12.57
C VAL B 496 -18.42 28.80 12.03
N ALA B 497 -18.51 29.07 10.73
CA ALA B 497 -19.80 29.38 10.11
C ALA B 497 -20.76 28.21 10.24
N ARG B 498 -20.25 27.00 10.06
CA ARG B 498 -21.08 25.81 10.19
C ARG B 498 -21.61 25.66 11.61
N ALA B 499 -20.79 25.99 12.61
CA ALA B 499 -21.20 25.80 13.99
C ALA B 499 -22.25 26.80 14.40
N LEU B 500 -22.06 28.07 14.09
CA LEU B 500 -22.98 29.10 14.52
C LEU B 500 -24.14 29.30 13.56
N LEU B 501 -24.25 28.45 12.55
CA LEU B 501 -25.44 28.48 11.70
C LEU B 501 -26.68 28.13 12.50
N ASN B 502 -26.57 27.18 13.42
CA ASN B 502 -27.67 26.80 14.30
C ASN B 502 -27.25 26.98 15.75
N PRO B 503 -27.79 27.96 16.47
CA PRO B 503 -27.57 28.01 17.92
C PRO B 503 -28.11 26.74 18.57
N CYS B 504 -27.42 26.30 19.61
CA CYS B 504 -27.62 24.96 20.16
C CYS B 504 -27.73 25.06 21.67
N SER B 505 -27.67 23.89 22.32
CA SER B 505 -27.68 23.85 23.77
C SER B 505 -26.28 23.77 24.34
N LEU B 506 -25.33 23.22 23.58
CA LEU B 506 -23.96 23.07 24.03
C LEU B 506 -23.02 23.29 22.86
N LEU B 507 -21.96 24.05 23.08
CA LEU B 507 -20.95 24.33 22.06
C LEU B 507 -19.60 23.88 22.58
N LEU B 508 -19.00 22.91 21.90
CA LEU B 508 -17.71 22.37 22.28
C LEU B 508 -16.65 22.92 21.34
N LEU B 509 -15.60 23.50 21.88
CA LEU B 509 -14.51 24.06 21.10
C LEU B 509 -13.21 23.42 21.54
N ASP B 510 -12.52 22.79 20.61
CA ASP B 510 -11.30 22.02 20.91
C ASP B 510 -10.13 22.68 20.22
N GLU B 511 -9.55 23.69 20.86
CA GLU B 511 -8.48 24.51 20.29
C GLU B 511 -8.83 24.97 18.88
N PRO B 512 -9.87 25.79 18.71
CA PRO B 512 -10.28 26.19 17.36
C PRO B 512 -9.22 26.95 16.60
N ALA B 513 -8.39 27.73 17.30
CA ALA B 513 -7.42 28.62 16.67
C ALA B 513 -5.99 28.23 17.03
N ALA B 514 -5.67 26.94 16.98
CA ALA B 514 -4.35 26.48 17.38
C ALA B 514 -3.29 26.84 16.35
N SER B 515 -3.48 26.41 15.10
CA SER B 515 -2.45 26.52 14.08
C SER B 515 -2.83 27.52 12.98
N LEU B 516 -3.82 28.38 13.23
CA LEU B 516 -4.21 29.34 12.23
C LEU B 516 -3.19 30.47 12.15
N ASP B 517 -3.28 31.24 11.08
CA ASP B 517 -2.39 32.39 10.92
C ASP B 517 -2.78 33.49 11.92
N ALA B 518 -2.05 34.59 11.87
CA ALA B 518 -2.31 35.67 12.82
C ALA B 518 -3.66 36.32 12.58
N HIS B 519 -4.13 36.30 11.34
CA HIS B 519 -5.35 37.02 11.02
C HIS B 519 -6.60 36.17 11.27
N SER B 520 -6.63 34.94 10.75
CA SER B 520 -7.80 34.10 10.94
C SER B 520 -8.02 33.79 12.40
N GLU B 521 -6.95 33.62 13.16
CA GLU B 521 -7.07 33.43 14.60
C GLU B 521 -7.81 34.58 15.26
N GLN B 522 -7.52 35.80 14.78
CA GLN B 522 -8.14 37.03 15.35
C GLN B 522 -9.62 37.10 14.99
N ARG B 523 -10.02 36.49 13.87
CA ARG B 523 -11.41 36.47 13.44
C ARG B 523 -12.16 35.22 13.91
N VAL B 524 -11.46 34.09 14.02
CA VAL B 524 -12.10 32.89 14.56
C VAL B 524 -12.45 33.09 16.02
N MET B 525 -11.50 33.59 16.80
CA MET B 525 -11.76 33.85 18.21
C MET B 525 -12.82 34.92 18.40
N GLU B 526 -12.80 35.96 17.57
CA GLU B 526 -13.78 37.04 17.71
C GLU B 526 -15.19 36.51 17.53
N ALA B 527 -15.38 35.58 16.58
CA ALA B 527 -16.69 34.99 16.38
C ALA B 527 -17.06 34.04 17.51
N LEU B 528 -16.08 33.26 17.98
CA LEU B 528 -16.33 32.26 19.05
C LEU B 528 -16.45 32.94 20.42
N ASN B 529 -15.84 34.11 20.59
CA ASN B 529 -15.95 34.85 21.88
C ASN B 529 -17.41 35.24 22.07
N ALA B 530 -18.06 35.69 21.00
CA ALA B 530 -19.49 36.11 21.04
C ALA B 530 -20.38 34.87 21.14
N ALA B 531 -20.13 33.87 20.29
CA ALA B 531 -20.95 32.63 20.27
C ALA B 531 -20.97 31.97 21.65
N SER B 532 -19.82 31.95 22.33
CA SER B 532 -19.70 31.29 23.66
C SER B 532 -20.64 31.92 24.70
N LEU B 533 -21.22 33.09 24.40
CA LEU B 533 -22.11 33.71 25.36
C LEU B 533 -23.57 33.35 25.14
N ARG B 534 -23.90 32.70 24.02
CA ARG B 534 -25.30 32.41 23.73
C ARG B 534 -25.77 31.12 24.39
N GLN B 535 -24.87 30.19 24.70
CA GLN B 535 -25.26 28.92 25.28
C GLN B 535 -24.08 28.35 26.06
N THR B 536 -24.30 27.20 26.68
CA THR B 536 -23.25 26.54 27.43
C THR B 536 -22.09 26.19 26.51
N THR B 537 -20.88 26.58 26.92
CA THR B 537 -19.70 26.42 26.09
C THR B 537 -18.60 25.75 26.89
N LEU B 538 -17.87 24.85 26.24
CA LEU B 538 -16.71 24.20 26.83
C LEU B 538 -15.58 24.28 25.83
N MET B 539 -14.51 24.98 26.19
CA MET B 539 -13.45 25.27 25.24
C MET B 539 -12.13 24.74 25.77
N VAL B 540 -11.30 24.21 24.89
CA VAL B 540 -9.98 23.69 25.23
C VAL B 540 -8.96 24.58 24.53
N THR B 541 -8.01 25.10 25.30
CA THR B 541 -7.03 26.05 24.77
C THR B 541 -5.67 25.84 25.42
N HIS B 542 -4.66 26.44 24.82
CA HIS B 542 -3.46 26.86 25.53
C HIS B 542 -3.20 28.34 25.33
N GLN B 543 -4.21 29.09 24.89
CA GLN B 543 -4.11 30.54 24.77
C GLN B 543 -4.65 31.18 26.04
N LEU B 544 -3.82 31.16 27.08
CA LEU B 544 -4.25 31.51 28.42
C LEU B 544 -4.33 33.02 28.64
N GLU B 545 -3.80 33.83 27.74
CA GLU B 545 -3.68 35.25 27.98
C GLU B 545 -4.99 36.01 27.86
N ASP B 546 -6.05 35.38 27.34
CA ASP B 546 -7.31 36.06 27.09
C ASP B 546 -8.48 35.25 27.64
N LEU B 547 -8.34 34.76 28.88
CA LEU B 547 -9.38 33.99 29.53
C LEU B 547 -10.06 34.76 30.65
N ALA B 548 -9.90 36.09 30.67
CA ALA B 548 -10.43 36.89 31.77
C ALA B 548 -11.95 36.83 31.83
N ASP B 549 -12.61 36.88 30.68
CA ASP B 549 -14.07 36.93 30.64
C ASP B 549 -14.71 35.57 30.84
N TRP B 550 -13.96 34.47 30.73
CA TRP B 550 -14.53 33.16 30.94
C TRP B 550 -14.71 32.92 32.43
N ASP B 551 -15.92 32.52 32.82
CA ASP B 551 -16.28 32.51 34.23
C ASP B 551 -15.82 31.28 34.98
N VAL B 552 -15.37 30.24 34.29
CA VAL B 552 -14.83 29.05 34.93
C VAL B 552 -13.58 28.62 34.17
N ILE B 553 -12.54 28.22 34.91
CA ILE B 553 -11.33 27.66 34.32
C ILE B 553 -11.01 26.37 35.04
N TRP B 554 -10.83 25.29 34.28
CA TRP B 554 -10.45 24.00 34.83
C TRP B 554 -9.04 23.67 34.37
N VAL B 555 -8.14 23.45 35.31
CA VAL B 555 -6.77 23.07 35.02
C VAL B 555 -6.68 21.56 35.16
N MET B 556 -6.42 20.87 34.07
CA MET B 556 -6.42 19.42 34.03
C MET B 556 -4.99 18.91 33.90
N GLN B 557 -4.66 17.94 34.75
CA GLN B 557 -3.31 17.33 34.71
C GLN B 557 -3.47 15.85 35.01
N ASP B 558 -2.93 15.00 34.13
CA ASP B 558 -2.93 13.55 34.32
C ASP B 558 -4.34 13.00 34.45
N GLY B 559 -5.29 13.60 33.73
CA GLY B 559 -6.63 13.06 33.65
C GLY B 559 -7.59 13.48 34.74
N ARG B 560 -7.26 14.49 35.54
CA ARG B 560 -8.18 14.97 36.56
C ARG B 560 -8.06 16.48 36.70
N ILE B 561 -9.12 17.10 37.21
CA ILE B 561 -9.13 18.53 37.46
C ILE B 561 -8.38 18.80 38.74
N ILE B 562 -7.33 19.61 38.67
CA ILE B 562 -6.51 19.93 39.83
C ILE B 562 -6.66 21.37 40.27
N GLU B 563 -7.41 22.19 39.54
CA GLU B 563 -7.63 23.57 39.93
C GLU B 563 -8.91 24.07 39.28
N GLN B 564 -9.53 25.06 39.93
CA GLN B 564 -10.75 25.67 39.44
C GLN B 564 -10.76 27.14 39.82
N GLY B 565 -11.64 27.89 39.18
CA GLY B 565 -11.85 29.28 39.52
C GLY B 565 -11.67 30.19 38.31
N ARG B 566 -11.98 31.46 38.54
CA ARG B 566 -11.89 32.44 37.47
C ARG B 566 -10.43 32.82 37.20
N TYR B 567 -10.24 33.62 36.15
CA TYR B 567 -8.89 33.98 35.74
C TYR B 567 -8.19 34.82 36.79
N ALA B 568 -8.93 35.74 37.44
CA ALA B 568 -8.31 36.66 38.39
C ALA B 568 -7.69 35.92 39.56
N GLU B 569 -8.38 34.91 40.09
CA GLU B 569 -7.84 34.18 41.24
C GLU B 569 -6.69 33.28 40.82
N LEU B 570 -6.83 32.56 39.71
CA LEU B 570 -5.83 31.56 39.36
C LEU B 570 -4.52 32.19 38.91
N SER B 571 -4.59 33.34 38.23
CA SER B 571 -3.38 33.93 37.67
C SER B 571 -2.42 34.37 38.75
N VAL B 572 -2.92 34.64 39.96
CA VAL B 572 -2.08 35.08 41.07
C VAL B 572 -1.96 34.06 42.18
N ALA B 573 -2.74 32.97 42.13
CA ALA B 573 -2.71 31.99 43.22
C ALA B 573 -1.42 31.19 43.26
N GLY B 574 -0.61 31.23 42.21
CA GLY B 574 0.63 30.49 42.19
C GLY B 574 0.47 29.01 41.97
N GLY B 575 -0.72 28.54 41.61
CA GLY B 575 -0.96 27.14 41.39
C GLY B 575 -0.50 26.68 40.02
N PRO B 576 -0.98 25.51 39.58
CA PRO B 576 -0.59 25.02 38.26
C PRO B 576 -0.95 25.95 37.12
N PHE B 577 -2.04 26.72 37.24
CA PHE B 577 -2.38 27.65 36.17
C PHE B 577 -1.32 28.74 36.01
N ALA B 578 -0.80 29.25 37.13
CA ALA B 578 0.24 30.27 37.05
C ALA B 578 1.48 29.71 36.38
N THR B 579 1.81 28.45 36.64
CA THR B 579 2.91 27.81 35.93
C THR B 579 2.63 27.72 34.44
N LEU B 580 1.42 27.31 34.08
CA LEU B 580 1.05 27.23 32.67
C LEU B 580 0.98 28.61 32.04
N LEU B 581 0.45 29.60 32.77
CA LEU B 581 0.39 30.95 32.25
C LEU B 581 1.78 31.53 32.03
N ALA B 582 2.70 31.28 32.97
CA ALA B 582 4.08 31.74 32.79
C ALA B 582 4.73 31.06 31.59
N HIS B 583 4.51 29.75 31.44
CA HIS B 583 5.04 29.03 30.29
C HIS B 583 4.46 29.56 28.99
N ARG B 584 3.16 29.86 28.97
CA ARG B 584 2.55 30.43 27.78
C ARG B 584 3.11 31.80 27.45
N GLN B 585 3.35 32.63 28.45
CA GLN B 585 3.88 33.97 28.21
C GLN B 585 5.29 33.94 27.62
N GLU B 586 6.01 32.83 27.78
CA GLU B 586 7.36 32.75 27.22
C GLU B 586 7.34 32.61 25.71
N GLU B 587 6.20 32.22 25.14
CA GLU B 587 6.03 32.34 23.69
C GLU B 587 6.03 33.80 23.30
N ILE B 588 6.41 34.05 22.04
CA ILE B 588 6.48 35.43 21.48
C ILE B 588 5.11 35.79 20.88
#